data_1FS2
#
_entry.id   1FS2
#
_cell.length_a   72.670
_cell.length_b   87.020
_cell.length_c   178.300
_cell.angle_alpha   90.00
_cell.angle_beta   90.00
_cell.angle_gamma   90.00
#
_symmetry.space_group_name_H-M   'P 21 21 21'
#
loop_
_entity.id
_entity.type
_entity.pdbx_description
1 polymer SKP2
2 polymer SKP1
#
loop_
_entity_poly.entity_id
_entity_poly.type
_entity_poly.pdbx_seq_one_letter_code
_entity_poly.pdbx_strand_id
1 'polypeptide(L)'
;RENFPGVSWDSLPDELLLGIFSCLCLPELLKVSGVCKRWYRLASDESLWQTLDEFRVQHMDLSNSVIEVSTLHGILSQCS
KLQNLSLEGLRLSDPIVNTLAKNSNLVRLNLSGCSGFSEFALQTLLSSCSRLDELNLSWCFDFTEKHVQVAVAHVSETIT
QLNLSGYRKNLQKSDLSTLVRRCPNLVHLDLSDSVMLKNDCFQEFFQLNYLQHLSLSRCYDIIPETLLELGEIPTLKTLQ
VFGIVPDGTLQLLKEALPHLQINCSHFTTIAR
;
A,C
2 'polypeptide(L)'
;MPSIKLQSSDGEIFEVDVEIAKQSVTIKTMLEDLGMDPVPLPNVNAAILKKVIQWCTHHKDDPPPPEDDENKEKRTDDIP
VWDQEFLKVDQGTLFELILAANYLDIKGLLDVTCKTVANMIKGKTPEEIRKTFNIKNDFTE
;
B,D
#
# COMPACT_ATOMS: atom_id res chain seq x y z
N PRO A 5 -10.73 -14.72 -17.70
CA PRO A 5 -10.72 -13.41 -18.40
C PRO A 5 -11.91 -12.49 -18.16
N GLY A 6 -11.82 -11.78 -17.03
CA GLY A 6 -12.78 -10.78 -16.61
C GLY A 6 -11.70 -9.78 -16.25
N VAL A 7 -11.89 -8.48 -16.42
CA VAL A 7 -10.78 -7.61 -16.04
C VAL A 7 -10.54 -7.77 -14.54
N SER A 8 -9.28 -7.99 -14.16
CA SER A 8 -8.91 -8.22 -12.78
C SER A 8 -8.85 -7.03 -11.86
N TRP A 9 -9.92 -6.24 -11.84
CA TRP A 9 -9.93 -5.09 -10.95
C TRP A 9 -9.75 -5.51 -9.49
N ASP A 10 -10.25 -6.69 -9.09
CA ASP A 10 -10.07 -7.14 -7.70
C ASP A 10 -8.61 -7.24 -7.29
N SER A 11 -7.69 -6.98 -8.22
CA SER A 11 -6.27 -7.07 -7.90
C SER A 11 -5.60 -5.73 -7.98
N LEU A 12 -6.37 -4.71 -8.30
CA LEU A 12 -5.77 -3.41 -8.41
C LEU A 12 -5.07 -3.10 -7.08
N PRO A 13 -3.80 -2.68 -7.14
CA PRO A 13 -3.01 -2.35 -5.96
C PRO A 13 -3.69 -1.30 -5.06
N ASP A 14 -3.53 -1.42 -3.73
CA ASP A 14 -4.17 -0.48 -2.82
C ASP A 14 -3.81 0.96 -3.13
N GLU A 15 -2.55 1.19 -3.53
CA GLU A 15 -2.11 2.55 -3.85
C GLU A 15 -3.11 3.19 -4.80
N LEU A 16 -3.31 2.53 -5.93
CA LEU A 16 -4.22 2.97 -6.96
C LEU A 16 -5.65 3.19 -6.49
N LEU A 17 -6.17 2.25 -5.72
CA LEU A 17 -7.51 2.38 -5.20
C LEU A 17 -7.58 3.69 -4.41
N LEU A 18 -6.58 3.98 -3.58
CA LEU A 18 -6.58 5.23 -2.83
C LEU A 18 -6.60 6.41 -3.78
N GLY A 19 -5.68 6.37 -4.75
CA GLY A 19 -5.62 7.41 -5.75
C GLY A 19 -7.00 7.63 -6.34
N ILE A 20 -7.64 6.55 -6.78
CA ILE A 20 -8.98 6.65 -7.34
C ILE A 20 -9.90 7.30 -6.32
N PHE A 21 -9.95 6.72 -5.12
CA PHE A 21 -10.79 7.22 -4.04
C PHE A 21 -10.53 8.67 -3.67
N SER A 22 -9.30 9.12 -3.87
CA SER A 22 -8.99 10.50 -3.54
C SER A 22 -9.70 11.43 -4.52
N CYS A 23 -10.17 10.87 -5.63
CA CYS A 23 -10.87 11.68 -6.62
C CYS A 23 -12.34 11.82 -6.32
N LEU A 24 -12.83 10.98 -5.43
CA LEU A 24 -14.23 10.99 -5.05
C LEU A 24 -14.56 11.97 -3.93
N CYS A 25 -15.75 12.55 -3.99
CA CYS A 25 -16.21 13.47 -2.95
C CYS A 25 -16.79 12.68 -1.76
N LEU A 26 -16.61 13.23 -0.58
CA LEU A 26 -17.04 12.56 0.64
C LEU A 26 -18.28 11.65 0.65
N PRO A 27 -19.41 12.11 0.11
CA PRO A 27 -20.60 11.26 0.11
C PRO A 27 -20.42 10.00 -0.74
N GLU A 28 -19.79 10.20 -1.89
CA GLU A 28 -19.50 9.15 -2.85
C GLU A 28 -18.66 8.08 -2.16
N LEU A 29 -17.66 8.56 -1.44
CA LEU A 29 -16.75 7.71 -0.70
C LEU A 29 -17.53 6.76 0.22
N LEU A 30 -18.48 7.31 0.97
CA LEU A 30 -19.28 6.46 1.85
C LEU A 30 -19.96 5.33 1.12
N LYS A 31 -20.39 5.57 -0.12
CA LYS A 31 -21.06 4.52 -0.89
C LYS A 31 -20.10 3.37 -1.11
N VAL A 32 -19.05 3.65 -1.90
CA VAL A 32 -18.07 2.65 -2.26
C VAL A 32 -17.61 1.76 -1.13
N SER A 33 -17.59 2.27 0.10
CA SER A 33 -17.12 1.43 1.21
C SER A 33 -17.95 0.16 1.37
N GLY A 34 -19.08 0.09 0.68
CA GLY A 34 -19.92 -1.09 0.76
C GLY A 34 -19.71 -2.05 -0.40
N VAL A 35 -18.82 -1.68 -1.34
CA VAL A 35 -18.54 -2.50 -2.52
C VAL A 35 -17.90 -3.84 -2.20
N CYS A 36 -16.88 -3.82 -1.33
CA CYS A 36 -16.19 -5.03 -0.91
C CYS A 36 -15.22 -4.66 0.21
N LYS A 37 -14.82 -5.64 1.02
CA LYS A 37 -13.88 -5.41 2.13
C LYS A 37 -12.61 -4.62 1.81
N ARG A 38 -11.88 -4.95 0.75
CA ARG A 38 -10.64 -4.22 0.39
C ARG A 38 -11.01 -2.74 0.23
N TRP A 39 -12.13 -2.47 -0.42
CA TRP A 39 -12.56 -1.10 -0.63
C TRP A 39 -13.04 -0.48 0.65
N TYR A 40 -13.75 -1.28 1.44
CA TYR A 40 -14.27 -0.78 2.71
C TYR A 40 -13.14 -0.29 3.61
N ARG A 41 -12.03 -1.03 3.69
CA ARG A 41 -10.95 -0.58 4.54
C ARG A 41 -10.32 0.66 3.94
N LEU A 42 -9.98 0.61 2.66
CA LEU A 42 -9.33 1.74 2.03
C LEU A 42 -10.13 3.03 2.08
N ALA A 43 -11.45 2.95 1.95
CA ALA A 43 -12.29 4.15 1.98
C ALA A 43 -12.16 4.86 3.32
N SER A 44 -11.90 4.09 4.36
CA SER A 44 -11.74 4.60 5.71
C SER A 44 -10.33 5.09 5.91
N ASP A 45 -9.53 5.15 4.86
CA ASP A 45 -8.13 5.56 5.05
C ASP A 45 -7.96 6.95 5.58
N GLU A 46 -6.97 7.05 6.47
CA GLU A 46 -6.55 8.27 7.14
C GLU A 46 -6.34 9.42 6.15
N SER A 47 -5.58 9.14 5.11
CA SER A 47 -5.26 10.15 4.11
C SER A 47 -6.45 10.85 3.48
N LEU A 48 -7.63 10.26 3.58
CA LEU A 48 -8.80 10.87 2.94
C LEU A 48 -9.72 11.69 3.82
N TRP A 49 -9.59 11.53 5.13
CA TRP A 49 -10.45 12.21 6.11
C TRP A 49 -9.73 13.08 7.14
N GLN A 50 -8.52 12.65 7.44
CA GLN A 50 -7.61 13.28 8.36
C GLN A 50 -7.69 14.80 8.53
N THR A 51 -7.89 15.52 7.44
CA THR A 51 -7.91 16.98 7.50
C THR A 51 -9.26 17.67 7.61
N LEU A 52 -10.33 16.93 7.37
CA LEU A 52 -11.66 17.51 7.44
C LEU A 52 -11.86 18.42 8.64
N ASP A 53 -12.50 19.55 8.37
CA ASP A 53 -12.80 20.52 9.42
C ASP A 53 -14.29 20.77 9.39
N GLU A 54 -14.99 20.01 8.57
CA GLU A 54 -16.44 20.13 8.50
C GLU A 54 -17.02 18.79 8.14
N PHE A 55 -18.17 18.46 8.71
CA PHE A 55 -18.84 17.18 8.42
C PHE A 55 -20.29 17.23 8.88
N ARG A 56 -21.19 17.24 7.90
CA ARG A 56 -22.63 17.35 8.15
C ARG A 56 -23.49 16.41 7.28
N VAL A 57 -24.34 15.64 7.95
CA VAL A 57 -25.26 14.70 7.33
C VAL A 57 -25.84 15.32 6.07
N GLN A 58 -26.34 16.54 6.22
CA GLN A 58 -26.96 17.29 5.10
C GLN A 58 -26.13 17.07 3.84
N HIS A 59 -24.88 17.53 3.87
CA HIS A 59 -24.06 17.33 2.69
C HIS A 59 -23.49 15.92 2.45
N MET A 60 -24.35 14.88 2.46
CA MET A 60 -23.89 13.52 2.19
C MET A 60 -24.91 12.45 1.75
N ASP A 61 -25.49 12.62 0.55
CA ASP A 61 -26.46 11.70 -0.02
C ASP A 61 -27.02 10.55 0.82
N LEU A 62 -26.86 10.57 2.14
CA LEU A 62 -27.37 9.52 3.01
C LEU A 62 -28.82 9.81 3.38
N SER A 63 -29.61 10.29 2.40
CA SER A 63 -31.02 10.59 2.63
C SER A 63 -31.80 9.32 2.32
N ASN A 64 -31.53 8.77 1.15
CA ASN A 64 -32.22 7.55 0.74
C ASN A 64 -31.59 6.27 1.27
N SER A 65 -30.43 6.38 1.91
CA SER A 65 -29.78 5.19 2.49
C SER A 65 -29.44 5.21 3.97
N VAL A 66 -29.24 4.04 4.54
CA VAL A 66 -28.90 3.93 5.97
C VAL A 66 -27.42 3.60 6.15
N ILE A 67 -26.67 4.52 6.75
CA ILE A 67 -25.25 4.31 6.97
C ILE A 67 -25.10 3.30 8.09
N GLU A 68 -24.36 2.23 7.82
CA GLU A 68 -24.12 1.20 8.80
C GLU A 68 -23.48 1.93 9.98
N VAL A 69 -24.00 1.74 11.19
CA VAL A 69 -23.43 2.45 12.33
C VAL A 69 -21.93 2.16 12.40
N SER A 70 -21.59 0.91 12.15
CA SER A 70 -20.22 0.46 12.15
C SER A 70 -19.29 1.31 11.27
N THR A 71 -19.64 1.47 10.00
CA THR A 71 -18.80 2.22 9.10
C THR A 71 -18.70 3.72 9.39
N LEU A 72 -19.79 4.31 9.90
CA LEU A 72 -19.75 5.72 10.23
C LEU A 72 -18.68 5.92 11.28
N HIS A 73 -18.62 4.99 12.21
CA HIS A 73 -17.65 5.04 13.27
C HIS A 73 -16.24 5.02 12.72
N GLY A 74 -16.00 4.08 11.81
CA GLY A 74 -14.69 3.93 11.22
C GLY A 74 -14.17 5.16 10.48
N ILE A 75 -15.07 5.91 9.88
CA ILE A 75 -14.66 7.11 9.15
C ILE A 75 -14.43 8.29 10.07
N LEU A 76 -15.35 8.53 11.00
CA LEU A 76 -15.22 9.64 11.93
C LEU A 76 -14.01 9.46 12.83
N SER A 77 -13.68 8.22 13.14
CA SER A 77 -12.53 8.00 14.01
C SER A 77 -11.24 8.49 13.35
N GLN A 78 -11.34 8.89 12.10
CA GLN A 78 -10.17 9.39 11.38
C GLN A 78 -10.10 10.92 11.40
N CYS A 79 -11.04 11.55 12.08
CA CYS A 79 -11.06 13.01 12.16
C CYS A 79 -10.81 13.55 13.57
N SER A 80 -9.91 14.52 13.66
CA SER A 80 -9.60 15.15 14.94
C SER A 80 -9.70 16.65 14.79
N LYS A 81 -9.70 17.11 13.54
CA LYS A 81 -9.72 18.52 13.23
C LYS A 81 -11.03 19.09 12.75
N LEU A 82 -12.13 18.53 13.21
CA LEU A 82 -13.43 19.03 12.82
C LEU A 82 -13.78 20.25 13.65
N GLN A 83 -14.36 21.25 13.02
CA GLN A 83 -14.78 22.46 13.70
C GLN A 83 -16.31 22.53 13.56
N ASN A 84 -16.84 21.73 12.63
CA ASN A 84 -18.27 21.70 12.37
C ASN A 84 -18.73 20.25 12.15
N LEU A 85 -19.55 19.74 13.05
CA LEU A 85 -20.04 18.37 12.91
C LEU A 85 -21.55 18.30 13.09
N SER A 86 -22.23 17.72 12.11
CA SER A 86 -23.68 17.57 12.19
C SER A 86 -24.01 16.14 11.84
N LEU A 87 -24.67 15.44 12.74
CA LEU A 87 -25.01 14.06 12.47
C LEU A 87 -26.49 13.97 12.70
N GLU A 88 -27.11 15.12 12.57
CA GLU A 88 -28.53 15.26 12.77
C GLU A 88 -29.34 14.10 12.17
N GLY A 89 -30.31 13.60 12.94
CA GLY A 89 -31.15 12.51 12.47
C GLY A 89 -30.54 11.12 12.49
N LEU A 90 -29.21 11.02 12.54
CA LEU A 90 -28.53 9.74 12.55
C LEU A 90 -28.55 8.97 13.86
N ARG A 91 -28.61 7.65 13.75
CA ARG A 91 -28.63 6.73 14.90
C ARG A 91 -27.17 6.35 15.20
N LEU A 92 -26.69 6.65 16.40
CA LEU A 92 -25.29 6.38 16.74
C LEU A 92 -25.09 5.25 17.73
N SER A 93 -24.00 5.29 18.46
CA SER A 93 -23.65 4.27 19.44
C SER A 93 -22.67 4.91 20.42
N ASP A 94 -22.29 4.18 21.46
CA ASP A 94 -21.34 4.78 22.36
C ASP A 94 -19.97 4.90 21.72
N PRO A 95 -19.48 3.83 21.09
CA PRO A 95 -18.16 3.88 20.48
C PRO A 95 -18.02 5.11 19.61
N ILE A 96 -19.05 5.40 18.84
CA ILE A 96 -18.98 6.54 17.96
C ILE A 96 -18.97 7.87 18.69
N VAL A 97 -19.75 7.98 19.75
CA VAL A 97 -19.75 9.24 20.46
C VAL A 97 -18.44 9.44 21.21
N ASN A 98 -17.99 8.39 21.91
CA ASN A 98 -16.72 8.48 22.61
C ASN A 98 -15.66 8.87 21.60
N THR A 99 -15.71 8.28 20.41
CA THR A 99 -14.71 8.63 19.42
C THR A 99 -14.78 10.11 19.02
N LEU A 100 -15.99 10.65 18.91
CA LEU A 100 -16.11 12.05 18.54
C LEU A 100 -15.32 12.95 19.48
N ALA A 101 -15.11 12.47 20.71
CA ALA A 101 -14.36 13.22 21.69
C ALA A 101 -12.92 13.60 21.23
N LYS A 102 -12.48 13.10 20.08
CA LYS A 102 -11.14 13.47 19.63
C LYS A 102 -11.10 14.96 19.30
N ASN A 103 -12.06 15.41 18.50
CA ASN A 103 -12.14 16.80 18.04
C ASN A 103 -12.33 17.79 19.17
N SER A 104 -11.25 18.10 19.89
CA SER A 104 -11.30 19.02 21.02
C SER A 104 -11.69 20.41 20.57
N ASN A 105 -11.37 20.77 19.34
CA ASN A 105 -11.66 22.11 18.86
C ASN A 105 -12.96 22.30 18.10
N LEU A 106 -13.97 21.50 18.44
CA LEU A 106 -15.27 21.65 17.81
C LEU A 106 -15.85 22.99 18.18
N VAL A 107 -16.41 23.66 17.19
CA VAL A 107 -17.01 24.96 17.42
C VAL A 107 -18.53 24.78 17.39
N ARG A 108 -19.00 24.11 16.34
CA ARG A 108 -20.41 23.84 16.12
C ARG A 108 -20.74 22.34 16.08
N LEU A 109 -21.69 21.90 16.92
CA LEU A 109 -22.06 20.49 16.95
C LEU A 109 -23.56 20.28 16.84
N ASN A 110 -24.00 19.46 15.90
CA ASN A 110 -25.44 19.20 15.76
C ASN A 110 -25.75 17.73 15.88
N LEU A 111 -26.40 17.35 16.98
CA LEU A 111 -26.77 15.97 17.19
C LEU A 111 -28.29 15.79 17.32
N SER A 112 -29.06 16.83 17.02
CA SER A 112 -30.52 16.68 17.16
C SER A 112 -31.04 15.45 16.43
N GLY A 113 -32.02 14.79 17.03
CA GLY A 113 -32.60 13.60 16.45
C GLY A 113 -31.71 12.38 16.58
N CYS A 114 -30.51 12.56 17.12
CA CYS A 114 -29.63 11.43 17.26
C CYS A 114 -30.03 10.57 18.46
N SER A 115 -29.61 9.32 18.44
CA SER A 115 -29.93 8.44 19.53
C SER A 115 -28.98 7.27 19.50
N GLY A 116 -29.09 6.43 20.53
CA GLY A 116 -28.26 5.26 20.61
C GLY A 116 -26.99 5.41 21.41
N PHE A 117 -26.93 6.40 22.30
CA PHE A 117 -25.74 6.57 23.10
C PHE A 117 -26.07 7.01 24.50
N SER A 118 -25.18 6.71 25.42
CA SER A 118 -25.41 7.04 26.80
C SER A 118 -25.01 8.39 27.32
N GLU A 119 -25.53 8.60 28.52
CA GLU A 119 -25.32 9.77 29.35
C GLU A 119 -23.82 9.88 29.62
N PHE A 120 -23.13 8.74 29.62
CA PHE A 120 -21.70 8.77 29.88
C PHE A 120 -20.98 9.22 28.65
N ALA A 121 -21.28 8.59 27.53
CA ALA A 121 -20.64 9.00 26.30
C ALA A 121 -20.91 10.49 26.11
N LEU A 122 -22.15 10.91 26.34
CA LEU A 122 -22.51 12.31 26.17
C LEU A 122 -21.59 13.17 27.01
N GLN A 123 -21.37 12.75 28.26
CA GLN A 123 -20.51 13.51 29.13
C GLN A 123 -19.08 13.53 28.61
N THR A 124 -18.55 12.38 28.22
CA THR A 124 -17.17 12.40 27.76
C THR A 124 -17.03 13.27 26.52
N LEU A 125 -18.09 13.37 25.70
CA LEU A 125 -18.00 14.21 24.50
C LEU A 125 -18.10 15.70 24.79
N LEU A 126 -19.09 16.11 25.56
CA LEU A 126 -19.19 17.53 25.82
C LEU A 126 -17.97 18.03 26.63
N SER A 127 -17.56 17.23 27.60
CA SER A 127 -16.44 17.56 28.45
C SER A 127 -15.20 17.89 27.66
N SER A 128 -15.00 17.16 26.56
CA SER A 128 -13.82 17.36 25.72
C SER A 128 -13.88 18.58 24.82
N CYS A 129 -15.10 19.02 24.49
CA CYS A 129 -15.29 20.18 23.62
C CYS A 129 -15.43 21.45 24.45
N SER A 130 -14.28 21.89 24.98
CA SER A 130 -14.25 23.05 25.85
C SER A 130 -14.19 24.42 25.18
N ARG A 131 -14.28 24.46 23.86
CA ARG A 131 -14.29 25.75 23.20
C ARG A 131 -15.51 25.82 22.31
N LEU A 132 -16.44 24.89 22.58
CA LEU A 132 -17.69 24.77 21.84
C LEU A 132 -18.48 26.07 21.91
N ASP A 133 -18.92 26.55 20.75
CA ASP A 133 -19.68 27.80 20.68
C ASP A 133 -21.18 27.57 20.60
N GLU A 134 -21.58 26.69 19.68
CA GLU A 134 -23.00 26.38 19.56
C GLU A 134 -23.29 24.90 19.42
N LEU A 135 -24.27 24.47 20.20
CA LEU A 135 -24.69 23.09 20.28
C LEU A 135 -26.16 22.96 20.06
N ASN A 136 -26.55 21.98 19.26
CA ASN A 136 -27.97 21.71 19.03
C ASN A 136 -28.14 20.26 19.42
N LEU A 137 -28.58 20.06 20.65
CA LEU A 137 -28.78 18.73 21.21
C LEU A 137 -30.25 18.57 21.52
N SER A 138 -31.08 18.81 20.51
CA SER A 138 -32.52 18.75 20.63
C SER A 138 -33.16 17.48 20.13
N TRP A 139 -34.22 17.09 20.81
CA TRP A 139 -34.96 15.91 20.44
C TRP A 139 -34.19 14.59 20.33
N CYS A 140 -33.26 14.33 21.25
CA CYS A 140 -32.59 13.04 21.22
C CYS A 140 -33.53 12.20 22.07
N PHE A 141 -34.57 11.71 21.40
CA PHE A 141 -35.67 10.94 22.01
C PHE A 141 -35.21 9.85 22.92
N ASP A 142 -34.11 9.28 22.50
CA ASP A 142 -33.52 8.18 23.20
C ASP A 142 -33.17 8.49 24.63
N PHE A 143 -33.21 9.75 25.05
CA PHE A 143 -32.78 9.92 26.42
C PHE A 143 -33.56 10.49 27.55
N THR A 144 -33.05 10.15 28.73
CA THR A 144 -33.61 10.48 30.03
C THR A 144 -32.99 11.63 30.81
N GLU A 145 -33.44 11.79 32.05
CA GLU A 145 -32.93 12.88 32.86
C GLU A 145 -31.41 12.76 33.01
N LYS A 146 -30.92 11.52 33.07
CA LYS A 146 -29.48 11.32 33.20
C LYS A 146 -28.76 12.15 32.12
N HIS A 147 -29.21 12.00 30.88
CA HIS A 147 -28.64 12.74 29.78
C HIS A 147 -28.84 14.24 29.97
N VAL A 148 -30.10 14.64 30.04
CA VAL A 148 -30.39 16.05 30.20
C VAL A 148 -29.50 16.68 31.27
N GLN A 149 -29.41 16.02 32.41
CA GLN A 149 -28.61 16.56 33.49
C GLN A 149 -27.18 16.66 33.04
N VAL A 150 -26.69 15.61 32.39
CA VAL A 150 -25.33 15.66 31.89
C VAL A 150 -25.12 16.86 30.97
N ALA A 151 -26.07 17.07 30.07
CA ALA A 151 -25.99 18.18 29.14
C ALA A 151 -25.74 19.51 29.86
N VAL A 152 -26.64 19.90 30.75
CA VAL A 152 -26.45 21.17 31.45
C VAL A 152 -25.26 21.19 32.38
N ALA A 153 -24.76 20.01 32.73
CA ALA A 153 -23.62 19.94 33.63
C ALA A 153 -22.31 20.04 32.91
N HIS A 154 -22.28 19.68 31.62
CA HIS A 154 -21.02 19.70 30.93
C HIS A 154 -20.84 20.50 29.65
N VAL A 155 -21.79 21.33 29.27
CA VAL A 155 -21.59 22.12 28.06
C VAL A 155 -20.57 23.17 28.45
N SER A 156 -19.59 23.48 27.62
CA SER A 156 -18.62 24.46 28.06
C SER A 156 -19.21 25.83 28.22
N GLU A 157 -18.54 26.62 29.04
CA GLU A 157 -18.90 27.99 29.34
C GLU A 157 -18.88 28.82 28.07
N THR A 158 -18.01 28.43 27.15
CA THR A 158 -17.86 29.10 25.89
C THR A 158 -19.15 29.18 25.08
N ILE A 159 -20.10 28.33 25.43
CA ILE A 159 -21.40 28.30 24.74
C ILE A 159 -22.16 29.61 24.68
N THR A 160 -22.63 29.92 23.46
CA THR A 160 -23.42 31.14 23.22
C THR A 160 -24.80 30.78 22.66
N GLN A 161 -24.86 29.72 21.86
CA GLN A 161 -26.13 29.30 21.28
C GLN A 161 -26.39 27.85 21.67
N LEU A 162 -27.50 27.62 22.36
CA LEU A 162 -27.84 26.28 22.76
C LEU A 162 -29.30 25.91 22.45
N ASN A 163 -29.52 24.70 21.98
CA ASN A 163 -30.88 24.28 21.69
C ASN A 163 -31.21 22.92 22.32
N LEU A 164 -31.92 22.94 23.45
CA LEU A 164 -32.29 21.72 24.15
C LEU A 164 -33.77 21.46 24.15
N SER A 165 -34.42 21.55 22.99
CA SER A 165 -35.85 21.33 22.94
C SER A 165 -36.24 19.87 22.72
N GLY A 166 -37.45 19.51 23.16
CA GLY A 166 -37.93 18.15 22.96
C GLY A 166 -37.99 17.23 24.18
N TYR A 167 -37.54 17.71 25.32
CA TYR A 167 -37.55 16.88 26.51
C TYR A 167 -38.73 17.25 27.40
N ARG A 168 -39.93 16.86 27.00
CA ARG A 168 -41.10 17.19 27.78
C ARG A 168 -41.00 16.93 29.26
N LYS A 169 -40.77 15.69 29.65
CA LYS A 169 -40.70 15.36 31.08
C LYS A 169 -39.33 15.17 31.72
N ASN A 170 -38.24 15.25 30.96
CA ASN A 170 -36.93 15.02 31.56
C ASN A 170 -36.09 16.25 31.86
N LEU A 171 -36.66 17.41 31.61
CA LEU A 171 -35.95 18.66 31.85
C LEU A 171 -36.76 19.52 32.82
N GLN A 172 -36.13 19.92 33.92
CA GLN A 172 -36.81 20.75 34.91
C GLN A 172 -36.12 22.04 35.32
N LYS A 173 -36.89 22.87 36.02
CA LYS A 173 -36.42 24.16 36.48
C LYS A 173 -34.96 24.09 36.94
N SER A 174 -34.69 23.14 37.82
CA SER A 174 -33.36 22.92 38.37
C SER A 174 -32.29 22.78 37.28
N ASP A 175 -32.64 22.11 36.19
CA ASP A 175 -31.73 21.92 35.08
C ASP A 175 -31.45 23.26 34.39
N LEU A 176 -32.47 24.11 34.27
CA LEU A 176 -32.28 25.41 33.66
C LEU A 176 -31.39 26.20 34.61
N SER A 177 -31.66 26.02 35.90
CA SER A 177 -30.89 26.68 36.94
C SER A 177 -29.41 26.34 36.77
N THR A 178 -29.10 25.05 36.69
CA THR A 178 -27.72 24.60 36.51
C THR A 178 -27.11 25.25 35.29
N LEU A 179 -27.79 25.05 34.16
CA LEU A 179 -27.38 25.58 32.87
C LEU A 179 -27.01 27.05 33.01
N VAL A 180 -27.90 27.82 33.61
CA VAL A 180 -27.71 29.25 33.81
C VAL A 180 -26.50 29.60 34.68
N ARG A 181 -26.30 28.83 35.75
CA ARG A 181 -25.16 29.09 36.64
C ARG A 181 -23.86 28.96 35.87
N ARG A 182 -23.79 27.92 35.04
CA ARG A 182 -22.59 27.60 34.27
C ARG A 182 -22.34 28.34 32.96
N CYS A 183 -23.40 28.69 32.23
CA CYS A 183 -23.20 29.32 30.93
C CYS A 183 -23.69 30.75 30.81
N PRO A 184 -22.95 31.68 31.36
CA PRO A 184 -23.24 33.12 31.36
C PRO A 184 -23.23 33.79 30.00
N ASN A 185 -22.60 33.18 29.00
CA ASN A 185 -22.50 33.83 27.69
C ASN A 185 -23.57 33.52 26.65
N LEU A 186 -24.53 32.68 27.01
CA LEU A 186 -25.62 32.31 26.12
C LEU A 186 -26.29 33.51 25.46
N VAL A 187 -26.55 33.39 24.16
CA VAL A 187 -27.18 34.45 23.39
C VAL A 187 -28.49 33.90 22.82
N HIS A 188 -28.45 32.68 22.29
CA HIS A 188 -29.64 32.00 21.74
C HIS A 188 -29.96 30.81 22.61
N LEU A 189 -31.14 30.78 23.20
CA LEU A 189 -31.48 29.64 24.02
C LEU A 189 -32.84 29.12 23.62
N ASP A 190 -32.89 27.90 23.11
CA ASP A 190 -34.18 27.32 22.75
C ASP A 190 -34.51 26.21 23.74
N LEU A 191 -35.64 26.34 24.41
CA LEU A 191 -36.09 25.32 25.35
C LEU A 191 -37.51 24.92 25.01
N SER A 192 -37.79 24.88 23.70
CA SER A 192 -39.11 24.53 23.20
C SER A 192 -39.57 23.16 23.66
N ASP A 193 -40.86 23.05 23.96
CA ASP A 193 -41.39 21.78 24.38
C ASP A 193 -40.85 21.29 25.70
N SER A 194 -40.45 22.24 26.55
CA SER A 194 -39.97 21.89 27.89
C SER A 194 -41.20 22.07 28.75
N VAL A 195 -42.07 21.05 28.71
CA VAL A 195 -43.35 21.08 29.41
C VAL A 195 -43.33 21.10 30.94
N MET A 196 -42.14 20.98 31.50
CA MET A 196 -42.01 21.02 32.94
C MET A 196 -41.70 22.44 33.39
N LEU A 197 -41.47 23.33 32.43
CA LEU A 197 -41.13 24.72 32.73
C LEU A 197 -42.38 25.59 32.87
N LYS A 198 -42.46 26.30 33.99
CA LYS A 198 -43.58 27.20 34.31
C LYS A 198 -43.03 28.60 34.53
N ASN A 199 -43.87 29.59 34.81
CA ASN A 199 -43.30 30.92 34.97
C ASN A 199 -42.36 31.10 36.15
N ASP A 200 -42.39 30.16 37.09
CA ASP A 200 -41.51 30.28 38.22
C ASP A 200 -40.03 30.25 37.80
N CYS A 201 -39.74 29.68 36.63
CA CYS A 201 -38.35 29.56 36.18
C CYS A 201 -37.86 30.84 35.50
N PHE A 202 -38.80 31.68 35.12
CA PHE A 202 -38.48 32.92 34.44
C PHE A 202 -37.37 33.69 35.07
N GLN A 203 -37.30 33.71 36.41
CA GLN A 203 -36.22 34.44 37.07
C GLN A 203 -34.84 33.99 36.61
N GLU A 204 -34.70 32.70 36.34
CA GLU A 204 -33.40 32.21 35.92
C GLU A 204 -32.85 32.91 34.68
N PHE A 205 -33.69 33.20 33.70
CA PHE A 205 -33.21 33.87 32.49
C PHE A 205 -32.59 35.24 32.76
N PHE A 206 -32.95 35.86 33.88
CA PHE A 206 -32.43 37.18 34.20
C PHE A 206 -30.94 37.19 34.53
N GLN A 207 -30.37 36.02 34.70
CA GLN A 207 -28.95 35.94 35.01
C GLN A 207 -28.11 35.74 33.74
N LEU A 208 -28.78 35.73 32.60
CA LEU A 208 -28.09 35.60 31.34
C LEU A 208 -28.10 37.01 30.77
N ASN A 209 -27.07 37.76 31.09
CA ASN A 209 -26.98 39.15 30.67
C ASN A 209 -26.73 39.41 29.21
N TYR A 210 -26.75 38.38 28.37
CA TYR A 210 -26.47 38.58 26.94
C TYR A 210 -27.46 37.84 26.03
N LEU A 211 -28.42 37.20 26.68
CA LEU A 211 -29.48 36.43 26.05
C LEU A 211 -30.43 37.33 25.25
N GLN A 212 -30.42 37.21 23.93
CA GLN A 212 -31.33 38.01 23.12
C GLN A 212 -32.32 37.22 22.27
N HIS A 213 -32.16 35.91 22.25
CA HIS A 213 -33.10 35.06 21.53
C HIS A 213 -33.45 33.88 22.43
N LEU A 214 -34.66 33.93 22.97
CA LEU A 214 -35.15 32.86 23.82
C LEU A 214 -36.37 32.28 23.13
N SER A 215 -36.56 30.98 23.30
CA SER A 215 -37.68 30.30 22.68
C SER A 215 -38.29 29.30 23.66
N LEU A 216 -39.58 29.43 23.92
CA LEU A 216 -40.34 28.58 24.84
C LEU A 216 -41.62 28.03 24.21
N SER A 217 -41.58 27.81 22.90
CA SER A 217 -42.75 27.29 22.21
C SER A 217 -43.26 25.95 22.75
N ARG A 218 -44.58 25.88 22.91
CA ARG A 218 -45.24 24.68 23.36
C ARG A 218 -45.00 24.24 24.79
N CYS A 219 -44.56 25.17 25.64
CA CYS A 219 -44.38 24.85 27.05
C CYS A 219 -45.78 25.10 27.60
N TYR A 220 -46.65 24.14 27.27
CA TYR A 220 -48.06 24.14 27.61
C TYR A 220 -48.51 24.55 29.01
N ASP A 221 -47.67 24.45 30.03
CA ASP A 221 -48.16 24.89 31.35
C ASP A 221 -47.83 26.31 31.73
N ILE A 222 -47.22 27.06 30.80
CA ILE A 222 -46.91 28.46 31.08
C ILE A 222 -48.18 29.24 30.91
N ILE A 223 -48.65 29.86 31.99
CA ILE A 223 -49.87 30.66 31.88
C ILE A 223 -49.50 31.80 30.93
N PRO A 224 -50.12 31.83 29.75
CA PRO A 224 -49.79 32.89 28.80
C PRO A 224 -49.53 34.27 29.40
N GLU A 225 -50.52 34.83 30.08
CA GLU A 225 -50.39 36.16 30.67
C GLU A 225 -49.07 36.43 31.41
N THR A 226 -48.46 35.42 32.02
CA THR A 226 -47.25 35.62 32.77
C THR A 226 -46.05 35.95 31.89
N LEU A 227 -46.17 35.77 30.59
CA LEU A 227 -45.04 36.03 29.68
C LEU A 227 -44.53 37.46 29.74
N LEU A 228 -45.43 38.40 29.95
CA LEU A 228 -45.06 39.81 30.05
C LEU A 228 -43.74 39.95 30.81
N GLU A 229 -43.63 39.20 31.89
CA GLU A 229 -42.46 39.22 32.74
C GLU A 229 -41.15 39.00 32.00
N LEU A 230 -41.19 38.35 30.85
CA LEU A 230 -39.95 38.11 30.12
C LEU A 230 -39.43 39.30 29.32
N GLY A 231 -40.29 40.30 29.10
CA GLY A 231 -39.86 41.47 28.35
C GLY A 231 -38.93 42.26 29.24
N GLU A 232 -38.82 41.77 30.46
CA GLU A 232 -37.98 42.38 31.47
C GLU A 232 -36.54 41.90 31.36
N ILE A 233 -36.26 41.08 30.35
CA ILE A 233 -34.89 40.64 30.14
C ILE A 233 -34.32 41.79 29.31
N PRO A 234 -33.44 42.58 29.92
CA PRO A 234 -32.75 43.76 29.38
C PRO A 234 -32.22 43.64 27.96
N THR A 235 -31.67 42.48 27.60
CA THR A 235 -31.11 42.27 26.26
C THR A 235 -31.97 41.43 25.32
N LEU A 236 -33.09 40.92 25.83
CA LEU A 236 -33.97 40.10 25.02
C LEU A 236 -34.44 40.86 23.77
N LYS A 237 -34.31 40.22 22.60
CA LYS A 237 -34.70 40.85 21.32
C LYS A 237 -35.81 40.10 20.59
N THR A 238 -35.84 38.78 20.71
CA THR A 238 -36.86 37.98 20.06
C THR A 238 -37.38 36.89 21.01
N LEU A 239 -38.66 36.57 20.90
CA LEU A 239 -39.26 35.56 21.76
C LEU A 239 -40.18 34.62 21.01
N GLN A 240 -39.72 33.38 20.78
CA GLN A 240 -40.56 32.41 20.10
C GLN A 240 -41.40 31.74 21.16
N VAL A 241 -42.70 31.91 21.09
CA VAL A 241 -43.55 31.34 22.11
C VAL A 241 -44.85 30.82 21.45
N PHE A 242 -44.65 29.94 20.47
CA PHE A 242 -45.72 29.31 19.68
C PHE A 242 -46.66 28.28 20.31
N GLY A 243 -47.92 28.34 19.91
CA GLY A 243 -48.88 27.36 20.37
C GLY A 243 -49.35 27.42 21.79
N ILE A 244 -48.99 28.46 22.53
CA ILE A 244 -49.44 28.55 23.89
C ILE A 244 -50.05 29.90 24.17
N VAL A 245 -50.04 30.77 23.16
CA VAL A 245 -50.58 32.11 23.35
C VAL A 245 -51.74 32.38 22.46
N PRO A 246 -52.93 32.59 23.04
CA PRO A 246 -54.14 32.87 22.27
C PRO A 246 -53.99 34.25 21.65
N ASP A 247 -54.39 34.38 20.39
CA ASP A 247 -54.30 35.66 19.69
C ASP A 247 -54.64 36.85 20.55
N GLY A 248 -55.78 36.78 21.23
CA GLY A 248 -56.21 37.86 22.10
C GLY A 248 -55.09 38.42 22.97
N THR A 249 -54.52 37.56 23.80
CA THR A 249 -53.44 37.99 24.68
C THR A 249 -52.15 38.18 23.90
N LEU A 250 -51.96 37.42 22.81
CA LEU A 250 -50.74 37.56 22.00
C LEU A 250 -50.61 38.98 21.48
N GLN A 251 -51.72 39.58 21.08
CA GLN A 251 -51.68 40.96 20.59
C GLN A 251 -51.44 41.93 21.73
N LEU A 252 -51.87 41.57 22.92
CA LEU A 252 -51.65 42.41 24.11
C LEU A 252 -50.17 42.40 24.43
N LEU A 253 -49.66 41.18 24.56
CA LEU A 253 -48.27 40.95 24.87
C LEU A 253 -47.41 41.80 23.94
N LYS A 254 -47.69 41.71 22.65
CA LYS A 254 -46.94 42.48 21.65
C LYS A 254 -46.98 43.96 21.90
N GLU A 255 -48.14 44.47 22.26
CA GLU A 255 -48.29 45.89 22.53
C GLU A 255 -47.57 46.34 23.78
N ALA A 256 -47.37 45.44 24.72
CA ALA A 256 -46.69 45.77 25.95
C ALA A 256 -45.16 45.85 25.74
N LEU A 257 -44.62 45.02 24.86
CA LEU A 257 -43.17 45.00 24.61
C LEU A 257 -42.93 45.20 23.11
N PRO A 258 -43.36 46.35 22.58
CA PRO A 258 -43.20 46.69 21.16
C PRO A 258 -41.78 46.57 20.60
N HIS A 259 -40.79 46.55 21.48
CA HIS A 259 -39.41 46.45 21.02
C HIS A 259 -39.08 45.00 20.72
N LEU A 260 -39.88 44.06 21.25
CA LEU A 260 -39.67 42.65 21.02
C LEU A 260 -40.25 42.15 19.72
N GLN A 261 -39.57 41.13 19.21
CA GLN A 261 -39.94 40.46 17.99
C GLN A 261 -40.59 39.15 18.49
N ILE A 262 -41.91 39.07 18.49
CA ILE A 262 -42.54 37.83 18.92
C ILE A 262 -43.29 37.16 17.77
N ASN A 263 -43.21 35.84 17.71
CA ASN A 263 -43.94 35.12 16.68
C ASN A 263 -44.80 34.08 17.45
N PRO B 2 19.34 13.41 -27.94
CA PRO B 2 17.95 13.83 -27.59
C PRO B 2 17.05 12.61 -27.79
N SER B 3 17.64 11.49 -28.20
CA SER B 3 16.87 10.27 -28.44
C SER B 3 17.33 9.09 -27.58
N ILE B 4 16.41 8.55 -26.79
CA ILE B 4 16.69 7.43 -25.90
C ILE B 4 15.97 6.19 -26.46
N LYS B 5 16.38 5.00 -26.04
CA LYS B 5 15.70 3.79 -26.51
C LYS B 5 14.96 2.98 -25.42
N LEU B 6 13.64 2.86 -25.57
CA LEU B 6 12.81 2.12 -24.61
C LEU B 6 12.46 0.73 -25.12
N GLN B 7 12.42 -0.24 -24.21
CA GLN B 7 12.08 -1.61 -24.59
C GLN B 7 10.96 -2.21 -23.77
N SER B 8 9.91 -2.67 -24.46
CA SER B 8 8.75 -3.29 -23.82
C SER B 8 9.03 -4.71 -23.35
N SER B 9 8.18 -5.19 -22.46
CA SER B 9 8.31 -6.53 -21.90
C SER B 9 8.33 -7.60 -22.99
N ASP B 10 7.61 -7.34 -24.08
CA ASP B 10 7.52 -8.28 -25.18
C ASP B 10 8.63 -8.13 -26.19
N GLY B 11 9.61 -7.30 -25.86
CA GLY B 11 10.78 -7.14 -26.72
C GLY B 11 10.92 -5.97 -27.67
N GLU B 12 9.81 -5.38 -28.07
CA GLU B 12 9.89 -4.26 -29.01
C GLU B 12 10.65 -3.05 -28.48
N ILE B 13 11.32 -2.38 -29.39
CA ILE B 13 12.07 -1.19 -29.01
C ILE B 13 11.47 0.06 -29.63
N PHE B 14 11.44 1.13 -28.86
CA PHE B 14 10.91 2.38 -29.36
C PHE B 14 11.96 3.45 -29.08
N GLU B 15 12.09 4.39 -30.00
CA GLU B 15 13.02 5.50 -29.80
C GLU B 15 12.17 6.71 -29.55
N VAL B 16 12.29 7.26 -28.35
CA VAL B 16 11.51 8.43 -28.00
C VAL B 16 12.50 9.53 -27.60
N ASP B 17 12.08 10.79 -27.70
CA ASP B 17 12.96 11.88 -27.32
C ASP B 17 13.25 11.75 -25.83
N VAL B 18 14.44 12.14 -25.39
CA VAL B 18 14.80 12.03 -23.98
C VAL B 18 13.86 12.81 -23.06
N GLU B 19 13.34 13.93 -23.54
CA GLU B 19 12.46 14.71 -22.70
C GLU B 19 11.10 14.06 -22.55
N ILE B 20 10.55 13.56 -23.64
CA ILE B 20 9.25 12.91 -23.56
C ILE B 20 9.40 11.72 -22.61
N ALA B 21 10.40 10.89 -22.89
CA ALA B 21 10.64 9.70 -22.08
C ALA B 21 10.80 10.04 -20.61
N LYS B 22 11.36 11.20 -20.31
CA LYS B 22 11.57 11.52 -18.92
C LYS B 22 10.36 11.99 -18.11
N GLN B 23 9.18 11.93 -18.71
CA GLN B 23 7.96 12.27 -17.99
C GLN B 23 7.67 11.11 -17.06
N SER B 24 8.40 10.03 -17.26
CA SER B 24 8.29 8.83 -16.45
C SER B 24 9.42 8.89 -15.46
N VAL B 25 9.09 9.32 -14.24
CA VAL B 25 10.09 9.43 -13.20
C VAL B 25 10.97 8.18 -13.25
N THR B 26 10.33 7.01 -13.19
CA THR B 26 11.03 5.73 -13.26
C THR B 26 12.05 5.71 -14.40
N ILE B 27 11.56 5.89 -15.64
CA ILE B 27 12.43 5.90 -16.80
C ILE B 27 13.55 6.91 -16.62
N LYS B 28 13.16 8.11 -16.18
CA LYS B 28 14.09 9.20 -15.93
C LYS B 28 15.22 8.74 -15.04
N THR B 29 14.85 8.20 -13.88
CA THR B 29 15.84 7.75 -12.94
C THR B 29 16.67 6.57 -13.47
N MET B 30 16.13 5.79 -14.40
CA MET B 30 16.98 4.72 -14.90
C MET B 30 18.01 5.37 -15.81
N LEU B 31 17.59 6.37 -16.58
CA LEU B 31 18.49 7.05 -17.49
C LEU B 31 19.63 7.77 -16.79
N GLU B 32 19.26 8.59 -15.82
CA GLU B 32 20.21 9.39 -15.07
C GLU B 32 21.15 8.77 -14.04
N ASP B 33 20.68 7.88 -13.17
CA ASP B 33 21.63 7.31 -12.22
C ASP B 33 22.19 5.96 -12.59
N LEU B 34 21.77 5.48 -13.75
CA LEU B 34 22.24 4.21 -14.28
C LEU B 34 22.23 4.45 -15.77
N GLY B 35 23.37 4.78 -16.37
CA GLY B 35 23.42 5.07 -17.79
C GLY B 35 22.89 4.01 -18.72
N MET B 36 21.62 3.65 -18.55
CA MET B 36 20.99 2.61 -19.37
C MET B 36 20.48 3.16 -20.69
N ASP B 37 20.98 2.66 -21.82
CA ASP B 37 20.42 3.16 -23.04
C ASP B 37 19.20 2.33 -23.39
N PRO B 38 19.37 1.02 -23.62
CA PRO B 38 18.10 0.39 -23.89
C PRO B 38 17.44 0.42 -22.49
N VAL B 39 16.20 0.89 -22.37
CA VAL B 39 15.58 0.92 -21.05
C VAL B 39 14.39 -0.02 -21.09
N PRO B 40 14.58 -1.25 -20.58
CA PRO B 40 13.54 -2.28 -20.54
C PRO B 40 12.52 -1.97 -19.45
N LEU B 41 11.25 -2.08 -19.82
CA LEU B 41 10.16 -1.83 -18.90
C LEU B 41 9.50 -3.19 -18.69
N PRO B 42 9.95 -3.93 -17.67
CA PRO B 42 9.46 -5.26 -17.33
C PRO B 42 7.98 -5.46 -17.17
N ASN B 43 7.21 -4.39 -17.08
CA ASN B 43 5.80 -4.62 -16.89
C ASN B 43 4.92 -4.16 -18.02
N VAL B 44 5.34 -3.09 -18.68
CA VAL B 44 4.62 -2.50 -19.78
C VAL B 44 4.87 -3.29 -21.07
N ASN B 45 3.81 -3.74 -21.72
CA ASN B 45 4.02 -4.47 -22.97
C ASN B 45 4.03 -3.45 -24.12
N ALA B 46 4.29 -3.91 -25.34
CA ALA B 46 4.37 -3.02 -26.49
C ALA B 46 3.09 -2.26 -26.84
N ALA B 47 1.96 -2.93 -26.75
CA ALA B 47 0.70 -2.27 -27.07
C ALA B 47 0.51 -1.10 -26.15
N ILE B 48 0.77 -1.32 -24.87
CA ILE B 48 0.63 -0.26 -23.87
C ILE B 48 1.67 0.85 -23.97
N LEU B 49 2.90 0.52 -24.30
CA LEU B 49 3.95 1.53 -24.39
C LEU B 49 3.61 2.55 -25.46
N LYS B 50 2.99 2.09 -26.54
CA LYS B 50 2.58 2.97 -27.62
C LYS B 50 1.66 4.05 -27.06
N LYS B 51 0.62 3.62 -26.36
CA LYS B 51 -0.32 4.57 -25.77
C LYS B 51 0.47 5.49 -24.85
N VAL B 52 1.18 4.93 -23.89
CA VAL B 52 1.95 5.74 -22.98
C VAL B 52 2.75 6.78 -23.73
N ILE B 53 3.52 6.33 -24.73
CA ILE B 53 4.34 7.27 -25.50
C ILE B 53 3.53 8.41 -26.12
N GLN B 54 2.42 8.09 -26.78
CA GLN B 54 1.66 9.18 -27.40
C GLN B 54 1.13 10.13 -26.35
N TRP B 55 0.73 9.57 -25.20
CA TRP B 55 0.21 10.39 -24.12
C TRP B 55 1.29 11.35 -23.65
N CYS B 56 2.50 10.83 -23.41
CA CYS B 56 3.58 11.70 -22.97
C CYS B 56 3.93 12.73 -24.02
N THR B 57 3.93 12.27 -25.27
CA THR B 57 4.23 13.15 -26.40
C THR B 57 3.26 14.34 -26.45
N HIS B 58 1.96 14.04 -26.35
CA HIS B 58 0.90 15.05 -26.38
C HIS B 58 1.04 16.03 -25.23
N HIS B 59 1.75 15.64 -24.17
CA HIS B 59 1.95 16.49 -22.99
C HIS B 59 3.41 16.89 -22.76
N LYS B 60 4.25 16.82 -23.79
CA LYS B 60 5.65 17.17 -23.58
C LYS B 60 5.70 18.63 -23.17
N ASP B 61 4.73 19.42 -23.62
CA ASP B 61 4.74 20.84 -23.32
C ASP B 61 3.93 21.51 -22.21
N ASP B 62 3.48 20.73 -21.24
CA ASP B 62 2.80 21.29 -20.07
C ASP B 62 3.75 21.02 -18.91
N LYS B 74 -10.47 17.11 -7.42
CA LYS B 74 -10.65 17.15 -8.94
C LYS B 74 -12.10 16.86 -9.33
N ARG B 75 -12.31 16.10 -10.40
CA ARG B 75 -13.68 15.79 -10.77
C ARG B 75 -13.91 14.75 -11.84
N THR B 76 -13.27 14.97 -12.98
CA THR B 76 -13.44 14.12 -14.15
C THR B 76 -14.05 15.25 -14.95
N ASP B 77 -14.29 16.26 -14.14
CA ASP B 77 -14.85 17.52 -14.47
C ASP B 77 -13.81 18.37 -15.17
N ASP B 78 -12.56 17.92 -15.12
CA ASP B 78 -11.47 18.67 -15.73
C ASP B 78 -10.57 17.83 -16.60
N ILE B 79 -11.15 16.81 -17.20
CA ILE B 79 -10.36 15.97 -18.07
C ILE B 79 -10.33 16.54 -19.48
N PRO B 80 -9.16 16.99 -19.94
CA PRO B 80 -8.98 17.56 -21.28
C PRO B 80 -9.56 16.65 -22.36
N VAL B 81 -10.40 17.21 -23.21
CA VAL B 81 -11.06 16.46 -24.27
C VAL B 81 -10.18 15.42 -24.94
N TRP B 82 -8.91 15.78 -25.17
CA TRP B 82 -7.97 14.88 -25.81
C TRP B 82 -7.77 13.68 -24.92
N ASP B 83 -7.40 13.96 -23.66
CA ASP B 83 -7.20 12.90 -22.68
C ASP B 83 -8.43 12.02 -22.58
N GLN B 84 -9.60 12.63 -22.73
CA GLN B 84 -10.82 11.85 -22.67
C GLN B 84 -10.88 10.87 -23.83
N GLU B 85 -10.67 11.34 -25.05
CA GLU B 85 -10.73 10.43 -26.18
C GLU B 85 -9.60 9.42 -26.13
N PHE B 86 -8.47 9.81 -25.56
CA PHE B 86 -7.34 8.90 -25.41
C PHE B 86 -7.72 7.70 -24.54
N LEU B 87 -8.49 7.96 -23.50
CA LEU B 87 -8.91 6.91 -22.59
C LEU B 87 -10.17 6.18 -23.05
N LYS B 88 -10.65 6.54 -24.24
CA LYS B 88 -11.81 5.89 -24.83
C LYS B 88 -11.33 4.51 -25.30
N VAL B 89 -11.17 3.57 -24.35
CA VAL B 89 -10.72 2.22 -24.68
C VAL B 89 -11.45 1.23 -23.79
N ASP B 90 -11.28 -0.07 -24.00
CA ASP B 90 -11.99 -1.03 -23.16
C ASP B 90 -11.37 -1.21 -21.78
N GLN B 91 -12.17 -1.68 -20.82
CA GLN B 91 -11.70 -1.86 -19.46
C GLN B 91 -10.33 -2.50 -19.42
N GLY B 92 -10.19 -3.62 -20.14
CA GLY B 92 -8.91 -4.29 -20.19
C GLY B 92 -7.83 -3.26 -20.35
N THR B 93 -7.87 -2.52 -21.45
CA THR B 93 -6.85 -1.50 -21.73
C THR B 93 -6.78 -0.43 -20.65
N LEU B 94 -7.94 0.00 -20.16
CA LEU B 94 -7.95 1.02 -19.14
C LEU B 94 -7.19 0.49 -17.93
N PHE B 95 -7.51 -0.74 -17.52
CA PHE B 95 -6.87 -1.39 -16.39
C PHE B 95 -5.34 -1.37 -16.58
N GLU B 96 -4.90 -1.73 -17.77
CA GLU B 96 -3.47 -1.76 -18.07
C GLU B 96 -2.80 -0.40 -18.05
N LEU B 97 -3.56 0.63 -18.38
CA LEU B 97 -2.98 1.95 -18.39
C LEU B 97 -2.76 2.43 -16.97
N ILE B 98 -3.75 2.27 -16.10
CA ILE B 98 -3.58 2.70 -14.72
C ILE B 98 -2.35 2.02 -14.11
N LEU B 99 -2.25 0.72 -14.33
CA LEU B 99 -1.13 -0.05 -13.82
C LEU B 99 0.17 0.47 -14.43
N ALA B 100 0.19 0.67 -15.74
CA ALA B 100 1.40 1.15 -16.42
C ALA B 100 1.82 2.52 -15.92
N ALA B 101 0.84 3.40 -15.71
CA ALA B 101 1.14 4.75 -15.24
C ALA B 101 1.73 4.72 -13.85
N ASN B 102 1.29 3.76 -13.04
CA ASN B 102 1.75 3.61 -11.68
C ASN B 102 3.20 3.09 -11.67
N TYR B 103 3.49 2.04 -12.43
CA TYR B 103 4.85 1.54 -12.45
C TYR B 103 5.82 2.60 -13.00
N LEU B 104 5.46 3.22 -14.11
CA LEU B 104 6.31 4.23 -14.72
C LEU B 104 6.34 5.53 -13.94
N ASP B 105 5.33 5.74 -13.10
CA ASP B 105 5.23 6.96 -12.29
C ASP B 105 5.10 8.19 -13.20
N ILE B 106 4.11 8.17 -14.07
CA ILE B 106 3.86 9.29 -14.97
C ILE B 106 2.61 9.93 -14.39
N LYS B 107 2.85 10.76 -13.39
CA LYS B 107 1.77 11.44 -12.68
C LYS B 107 0.55 11.86 -13.49
N GLY B 108 0.77 12.73 -14.48
CA GLY B 108 -0.33 13.22 -15.27
C GLY B 108 -1.26 12.15 -15.81
N LEU B 109 -0.68 11.14 -16.43
CA LEU B 109 -1.44 10.04 -16.99
C LEU B 109 -2.15 9.25 -15.88
N LEU B 110 -1.44 9.04 -14.77
CA LEU B 110 -1.98 8.33 -13.64
C LEU B 110 -3.16 9.15 -13.13
N ASP B 111 -2.95 10.45 -13.21
CA ASP B 111 -3.92 11.42 -12.77
C ASP B 111 -5.24 11.26 -13.55
N VAL B 112 -5.19 11.42 -14.87
CA VAL B 112 -6.39 11.33 -15.68
C VAL B 112 -7.06 9.95 -15.66
N THR B 113 -6.25 8.89 -15.65
CA THR B 113 -6.84 7.56 -15.65
C THR B 113 -7.59 7.28 -14.37
N CYS B 114 -7.07 7.80 -13.25
CA CYS B 114 -7.76 7.63 -11.98
C CYS B 114 -9.12 8.32 -11.96
N LYS B 115 -9.17 9.58 -12.40
CA LYS B 115 -10.43 10.30 -12.40
C LYS B 115 -11.42 9.60 -13.32
N THR B 116 -10.89 9.00 -14.38
CA THR B 116 -11.74 8.29 -15.33
C THR B 116 -12.42 7.10 -14.70
N VAL B 117 -11.72 6.39 -13.83
CA VAL B 117 -12.34 5.25 -13.15
C VAL B 117 -13.32 5.86 -12.14
N ALA B 118 -12.87 6.92 -11.48
CA ALA B 118 -13.69 7.59 -10.50
C ALA B 118 -15.07 7.86 -11.09
N ASN B 119 -15.10 8.47 -12.26
CA ASN B 119 -16.36 8.79 -12.90
C ASN B 119 -17.22 7.56 -13.18
N MET B 120 -16.57 6.43 -13.44
CA MET B 120 -17.31 5.21 -13.71
C MET B 120 -18.01 4.72 -12.47
N ILE B 121 -17.48 5.10 -11.32
CA ILE B 121 -18.04 4.73 -10.02
C ILE B 121 -19.17 5.69 -9.64
N LYS B 122 -18.91 7.00 -9.76
CA LYS B 122 -19.89 8.04 -9.42
C LYS B 122 -21.25 7.70 -10.04
N GLY B 123 -22.31 7.83 -9.27
CA GLY B 123 -23.64 7.55 -9.81
C GLY B 123 -24.13 6.12 -9.66
N LYS B 124 -23.24 5.14 -9.75
CA LYS B 124 -23.68 3.76 -9.59
C LYS B 124 -23.87 3.37 -8.12
N THR B 125 -24.48 2.20 -7.93
CA THR B 125 -24.70 1.65 -6.60
C THR B 125 -23.56 0.67 -6.37
N PRO B 126 -23.40 0.19 -5.15
CA PRO B 126 -22.31 -0.76 -4.97
C PRO B 126 -22.48 -1.93 -5.93
N GLU B 127 -23.70 -2.42 -6.05
CA GLU B 127 -24.01 -3.54 -6.94
C GLU B 127 -23.60 -3.23 -8.39
N GLU B 128 -24.07 -2.09 -8.91
CA GLU B 128 -23.73 -1.69 -10.27
C GLU B 128 -22.25 -1.73 -10.38
N ILE B 129 -21.60 -1.16 -9.38
CA ILE B 129 -20.15 -1.10 -9.33
C ILE B 129 -19.57 -2.50 -9.42
N ARG B 130 -19.99 -3.41 -8.55
CA ARG B 130 -19.46 -4.75 -8.59
C ARG B 130 -19.58 -5.34 -10.00
N LYS B 131 -20.69 -5.04 -10.66
CA LYS B 131 -20.92 -5.55 -12.00
C LYS B 131 -20.02 -4.93 -13.06
N THR B 132 -19.94 -3.61 -13.13
CA THR B 132 -19.09 -3.03 -14.17
C THR B 132 -17.63 -3.36 -13.95
N PHE B 133 -17.22 -3.51 -12.68
CA PHE B 133 -15.83 -3.83 -12.40
C PHE B 133 -15.49 -5.26 -12.03
N ASN B 134 -16.47 -6.15 -12.15
CA ASN B 134 -16.23 -7.56 -11.86
C ASN B 134 -15.55 -7.74 -10.51
N ILE B 135 -16.14 -7.10 -9.49
CA ILE B 135 -15.66 -7.13 -8.12
C ILE B 135 -16.48 -8.13 -7.35
N LYS B 136 -15.82 -9.02 -6.64
CA LYS B 136 -16.50 -10.02 -5.83
C LYS B 136 -17.10 -9.40 -4.58
N ASN B 137 -18.29 -9.87 -4.19
CA ASN B 137 -18.92 -9.35 -3.00
C ASN B 137 -18.36 -10.03 -1.75
N ASP B 138 -17.27 -9.47 -1.23
CA ASP B 138 -16.59 -9.95 -0.01
C ASP B 138 -17.52 -10.33 1.14
N PHE B 139 -18.66 -9.66 1.23
CA PHE B 139 -19.58 -9.92 2.31
C PHE B 139 -20.56 -11.05 1.97
N THR B 140 -20.20 -11.85 0.96
CA THR B 140 -21.01 -12.99 0.49
C THR B 140 -20.16 -13.97 -0.37
N PRO C 5 -19.92 -17.33 4.04
CA PRO C 5 -18.67 -17.10 4.74
C PRO C 5 -17.55 -18.02 4.26
N GLY C 6 -16.43 -17.41 3.93
CA GLY C 6 -15.24 -18.12 3.50
C GLY C 6 -14.25 -17.11 4.01
N VAL C 7 -13.06 -17.49 4.46
CA VAL C 7 -12.19 -16.44 4.96
C VAL C 7 -11.74 -15.57 3.80
N SER C 8 -11.91 -14.27 3.99
CA SER C 8 -11.60 -13.29 2.97
C SER C 8 -10.13 -12.93 2.78
N TRP C 9 -9.28 -13.94 2.59
CA TRP C 9 -7.87 -13.65 2.41
C TRP C 9 -7.61 -12.83 1.15
N ASP C 10 -8.44 -12.99 0.11
CA ASP C 10 -8.27 -12.20 -1.10
C ASP C 10 -8.40 -10.72 -0.83
N SER C 11 -8.69 -10.32 0.40
CA SER C 11 -8.84 -8.90 0.71
C SER C 11 -7.80 -8.41 1.69
N LEU C 12 -6.87 -9.29 2.03
CA LEU C 12 -5.84 -8.90 2.96
C LEU C 12 -5.11 -7.67 2.39
N PRO C 13 -4.92 -6.62 3.18
CA PRO C 13 -4.25 -5.41 2.72
C PRO C 13 -2.82 -5.67 2.21
N ASP C 14 -2.45 -5.04 1.09
CA ASP C 14 -1.13 -5.23 0.52
C ASP C 14 -0.03 -5.16 1.57
N GLU C 15 -0.15 -4.21 2.50
CA GLU C 15 0.82 -4.04 3.59
C GLU C 15 1.12 -5.38 4.22
N LEU C 16 0.07 -6.03 4.69
CA LEU C 16 0.16 -7.33 5.33
C LEU C 16 0.77 -8.39 4.45
N LEU C 17 0.35 -8.43 3.19
CA LEU C 17 0.90 -9.38 2.26
C LEU C 17 2.42 -9.22 2.22
N LEU C 18 2.90 -7.99 2.06
CA LEU C 18 4.35 -7.77 2.08
C LEU C 18 4.98 -8.32 3.35
N GLY C 19 4.42 -7.91 4.49
CA GLY C 19 4.91 -8.38 5.77
C GLY C 19 5.04 -9.89 5.71
N ILE C 20 3.96 -10.55 5.34
CA ILE C 20 4.01 -11.99 5.25
C ILE C 20 5.18 -12.39 4.33
N PHE C 21 5.18 -11.90 3.08
CA PHE C 21 6.22 -12.21 2.10
C PHE C 21 7.63 -11.92 2.58
N SER C 22 7.75 -10.96 3.49
CA SER C 22 9.07 -10.61 3.99
C SER C 22 9.59 -11.70 4.89
N CYS C 23 8.71 -12.62 5.28
CA CYS C 23 9.11 -13.75 6.12
C CYS C 23 9.56 -14.94 5.30
N LEU C 24 9.22 -14.93 4.01
CA LEU C 24 9.61 -16.01 3.11
C LEU C 24 11.01 -15.85 2.55
N CYS C 25 11.66 -16.98 2.27
CA CYS C 25 13.00 -16.94 1.69
C CYS C 25 12.88 -16.91 0.15
N LEU C 26 13.83 -16.22 -0.47
CA LEU C 26 13.83 -16.02 -1.91
C LEU C 26 13.19 -17.07 -2.84
N PRO C 27 13.56 -18.34 -2.73
CA PRO C 27 12.95 -19.34 -3.61
C PRO C 27 11.43 -19.47 -3.40
N GLU C 28 11.05 -19.45 -2.13
CA GLU C 28 9.67 -19.57 -1.70
C GLU C 28 8.89 -18.44 -2.33
N LEU C 29 9.51 -17.26 -2.29
CA LEU C 29 8.93 -16.05 -2.84
C LEU C 29 8.55 -16.29 -4.30
N LEU C 30 9.49 -16.82 -5.09
CA LEU C 30 9.19 -17.06 -6.49
C LEU C 30 7.96 -17.93 -6.67
N LYS C 31 7.74 -18.92 -5.82
CA LYS C 31 6.56 -19.80 -5.98
C LYS C 31 5.30 -18.97 -5.86
N VAL C 32 5.12 -18.34 -4.70
CA VAL C 32 3.91 -17.57 -4.44
C VAL C 32 3.52 -16.56 -5.52
N SER C 33 4.49 -16.08 -6.29
CA SER C 33 4.16 -15.10 -7.32
C SER C 33 3.21 -15.65 -8.37
N GLY C 34 2.99 -16.97 -8.35
CA GLY C 34 2.09 -17.56 -9.31
C GLY C 34 0.71 -17.81 -8.71
N VAL C 35 0.56 -17.49 -7.43
CA VAL C 35 -0.71 -17.72 -6.75
C VAL C 35 -1.86 -16.91 -7.33
N CYS C 36 -1.63 -15.63 -7.59
CA CYS C 36 -2.66 -14.76 -8.17
C CYS C 36 -2.03 -13.39 -8.52
N LYS C 37 -2.68 -12.59 -9.36
CA LYS C 37 -2.10 -11.30 -9.70
C LYS C 37 -1.68 -10.37 -8.54
N ARG C 38 -2.53 -10.17 -7.52
CA ARG C 38 -2.17 -9.29 -6.39
C ARG C 38 -0.84 -9.79 -5.78
N TRP C 39 -0.75 -11.10 -5.56
CA TRP C 39 0.46 -11.66 -4.98
C TRP C 39 1.63 -11.55 -5.95
N TYR C 40 1.36 -11.79 -7.24
CA TYR C 40 2.42 -11.70 -8.24
C TYR C 40 3.12 -10.33 -8.24
N ARG C 41 2.33 -9.26 -8.19
CA ARG C 41 2.93 -7.95 -8.18
C ARG C 41 3.72 -7.76 -6.90
N LEU C 42 3.05 -7.93 -5.76
CA LEU C 42 3.71 -7.78 -4.46
C LEU C 42 4.98 -8.62 -4.28
N ALA C 43 4.99 -9.85 -4.75
CA ALA C 43 6.18 -10.67 -4.62
C ALA C 43 7.38 -10.03 -5.33
N SER C 44 7.11 -9.24 -6.36
CA SER C 44 8.15 -8.55 -7.13
C SER C 44 8.53 -7.22 -6.47
N ASP C 45 7.96 -6.95 -5.30
CA ASP C 45 8.23 -5.68 -4.66
C ASP C 45 9.67 -5.39 -4.41
N GLU C 46 10.00 -4.12 -4.61
CA GLU C 46 11.33 -3.56 -4.43
C GLU C 46 11.91 -3.87 -3.03
N SER C 47 11.14 -3.57 -1.99
CA SER C 47 11.57 -3.81 -0.62
C SER C 47 12.09 -5.19 -0.36
N LEU C 48 11.72 -6.17 -1.18
CA LEU C 48 12.16 -7.55 -0.95
C LEU C 48 13.42 -8.03 -1.66
N TRP C 49 13.82 -7.35 -2.72
CA TRP C 49 14.98 -7.78 -3.52
C TRP C 49 16.10 -6.76 -3.64
N GLN C 50 15.67 -5.51 -3.57
CA GLN C 50 16.47 -4.29 -3.64
C GLN C 50 17.91 -4.39 -3.14
N THR C 51 18.09 -5.13 -2.06
CA THR C 51 19.41 -5.24 -1.43
C THR C 51 20.29 -6.40 -1.82
N LEU C 52 19.72 -7.42 -2.45
CA LEU C 52 20.48 -8.59 -2.85
C LEU C 52 21.80 -8.27 -3.50
N ASP C 53 22.84 -9.04 -3.18
CA ASP C 53 24.18 -8.83 -3.75
C ASP C 53 24.63 -10.05 -4.55
N GLU C 54 23.89 -11.14 -4.38
CA GLU C 54 24.13 -12.38 -5.09
C GLU C 54 22.83 -13.12 -5.40
N PHE C 55 22.63 -13.44 -6.67
CA PHE C 55 21.47 -14.18 -7.15
C PHE C 55 22.05 -15.33 -8.00
N ARG C 56 21.87 -16.55 -7.54
CA ARG C 56 22.37 -17.70 -8.27
C ARG C 56 21.33 -18.81 -8.43
N VAL C 57 20.84 -19.00 -9.65
CA VAL C 57 19.86 -20.05 -9.95
C VAL C 57 20.03 -21.27 -9.06
N GLN C 58 21.28 -21.69 -8.93
CA GLN C 58 21.64 -22.84 -8.12
C GLN C 58 20.82 -22.79 -6.83
N HIS C 59 20.95 -21.69 -6.09
CA HIS C 59 20.21 -21.59 -4.84
C HIS C 59 18.78 -21.11 -4.90
N MET C 60 17.96 -21.60 -5.85
CA MET C 60 16.57 -21.13 -5.97
C MET C 60 15.48 -22.22 -6.20
N ASP C 61 15.77 -23.47 -5.85
CA ASP C 61 14.78 -24.54 -6.03
C ASP C 61 14.21 -24.68 -7.44
N LEU C 62 14.67 -23.85 -8.37
CA LEU C 62 14.17 -23.89 -9.75
C LEU C 62 14.64 -25.12 -10.53
N SER C 63 14.72 -26.27 -9.86
CA SER C 63 15.14 -27.50 -10.50
C SER C 63 13.99 -28.16 -11.25
N ASN C 64 12.92 -28.45 -10.56
CA ASN C 64 11.77 -29.08 -11.21
C ASN C 64 10.69 -28.11 -11.70
N SER C 65 11.05 -26.83 -11.84
CA SER C 65 10.11 -25.82 -12.29
C SER C 65 10.72 -24.90 -13.34
N VAL C 66 9.86 -24.33 -14.17
CA VAL C 66 10.28 -23.39 -15.22
C VAL C 66 9.85 -21.96 -14.85
N ILE C 67 10.82 -21.09 -14.61
CA ILE C 67 10.51 -19.71 -14.26
C ILE C 67 10.00 -19.04 -15.52
N GLU C 68 8.85 -18.41 -15.42
CA GLU C 68 8.29 -17.68 -16.55
C GLU C 68 9.36 -16.63 -16.92
N VAL C 69 9.76 -16.54 -18.18
CA VAL C 69 10.79 -15.57 -18.57
C VAL C 69 10.36 -14.19 -18.08
N SER C 70 9.08 -13.91 -18.31
CA SER C 70 8.51 -12.66 -17.89
C SER C 70 8.79 -12.31 -16.43
N THR C 71 8.43 -13.21 -15.52
CA THR C 71 8.62 -12.92 -14.11
C THR C 71 10.09 -12.84 -13.66
N LEU C 72 10.96 -13.58 -14.32
CA LEU C 72 12.37 -13.53 -13.95
C LEU C 72 12.88 -12.11 -14.22
N HIS C 73 12.37 -11.54 -15.29
CA HIS C 73 12.75 -10.21 -15.68
C HIS C 73 12.28 -9.18 -14.70
N GLY C 74 11.08 -9.35 -14.18
CA GLY C 74 10.54 -8.41 -13.24
C GLY C 74 11.23 -8.40 -11.88
N ILE C 75 11.84 -9.51 -11.50
CA ILE C 75 12.52 -9.55 -10.22
C ILE C 75 13.95 -9.02 -10.34
N LEU C 76 14.65 -9.47 -11.36
CA LEU C 76 16.02 -9.02 -11.57
C LEU C 76 16.09 -7.51 -11.83
N SER C 77 15.03 -6.95 -12.40
CA SER C 77 15.06 -5.54 -12.71
C SER C 77 15.05 -4.73 -11.46
N GLN C 78 14.89 -5.41 -10.33
CA GLN C 78 14.87 -4.72 -9.06
C GLN C 78 16.22 -4.78 -8.38
N CYS C 79 17.22 -5.32 -9.07
CA CYS C 79 18.56 -5.41 -8.48
C CYS C 79 19.61 -4.63 -9.25
N SER C 80 20.39 -3.82 -8.54
CA SER C 80 21.43 -3.03 -9.16
C SER C 80 22.74 -3.33 -8.47
N LYS C 81 22.63 -3.89 -7.26
CA LYS C 81 23.79 -4.19 -6.43
C LYS C 81 24.26 -5.63 -6.37
N LEU C 82 24.21 -6.32 -7.51
CA LEU C 82 24.65 -7.69 -7.54
C LEU C 82 26.13 -7.73 -7.82
N GLN C 83 26.83 -8.63 -7.12
CA GLN C 83 28.26 -8.79 -7.33
C GLN C 83 28.48 -10.20 -7.83
N ASN C 84 27.46 -11.04 -7.66
CA ASN C 84 27.50 -12.43 -8.08
C ASN C 84 26.17 -12.82 -8.73
N LEU C 85 26.19 -13.11 -10.02
CA LEU C 85 24.97 -13.50 -10.70
C LEU C 85 25.19 -14.76 -11.50
N SER C 86 24.33 -15.76 -11.29
CA SER C 86 24.40 -17.01 -12.02
C SER C 86 23.00 -17.38 -12.45
N LEU C 87 22.80 -17.41 -13.75
CA LEU C 87 21.50 -17.76 -14.31
C LEU C 87 21.71 -18.98 -15.20
N GLU C 88 22.82 -19.66 -14.97
CA GLU C 88 23.21 -20.85 -15.72
C GLU C 88 22.03 -21.75 -16.09
N GLY C 89 22.01 -22.20 -17.34
CA GLY C 89 20.96 -23.10 -17.78
C GLY C 89 19.64 -22.45 -18.12
N LEU C 90 19.37 -21.28 -17.54
CA LEU C 90 18.11 -20.58 -17.80
C LEU C 90 17.96 -19.97 -19.19
N ARG C 91 16.73 -19.92 -19.65
CA ARG C 91 16.39 -19.36 -20.96
C ARG C 91 15.96 -17.92 -20.72
N LEU C 92 16.71 -16.97 -21.30
CA LEU C 92 16.40 -15.55 -21.10
C LEU C 92 15.75 -14.86 -22.28
N SER C 93 15.96 -13.55 -22.37
CA SER C 93 15.39 -12.71 -23.42
C SER C 93 16.25 -11.46 -23.52
N ASP C 94 15.98 -10.59 -24.47
CA ASP C 94 16.77 -9.38 -24.53
C ASP C 94 16.41 -8.45 -23.40
N PRO C 95 15.12 -8.22 -23.19
CA PRO C 95 14.75 -7.32 -22.12
C PRO C 95 15.45 -7.64 -20.83
N ILE C 96 15.54 -8.92 -20.53
CA ILE C 96 16.18 -9.36 -19.31
C ILE C 96 17.69 -9.13 -19.29
N VAL C 97 18.35 -9.36 -20.42
CA VAL C 97 19.80 -9.13 -20.48
C VAL C 97 20.12 -7.63 -20.44
N ASN C 98 19.36 -6.86 -21.20
CA ASN C 98 19.56 -5.43 -21.19
C ASN C 98 19.37 -4.95 -19.75
N THR C 99 18.38 -5.49 -19.05
CA THR C 99 18.16 -5.07 -17.67
C THR C 99 19.35 -5.42 -16.76
N LEU C 100 19.91 -6.60 -16.92
CA LEU C 100 21.05 -6.98 -16.08
C LEU C 100 22.12 -5.88 -16.11
N ALA C 101 22.11 -5.11 -17.21
CA ALA C 101 23.06 -4.03 -17.41
C ALA C 101 23.05 -2.99 -16.29
N LYS C 102 22.12 -3.11 -15.34
CA LYS C 102 22.09 -2.18 -14.21
C LYS C 102 23.30 -2.42 -13.29
N ASN C 103 23.49 -3.66 -12.87
CA ASN C 103 24.57 -4.04 -11.97
C ASN C 103 25.95 -3.78 -12.57
N SER C 104 26.39 -2.52 -12.50
CA SER C 104 27.68 -2.09 -13.06
C SER C 104 28.83 -2.76 -12.33
N ASN C 105 28.65 -3.03 -11.05
CA ASN C 105 29.70 -3.63 -10.26
C ASN C 105 29.71 -5.13 -10.13
N LEU C 106 29.29 -5.83 -11.18
CA LEU C 106 29.29 -7.29 -11.16
C LEU C 106 30.73 -7.74 -11.13
N VAL C 107 31.00 -8.73 -10.28
CA VAL C 107 32.33 -9.29 -10.17
C VAL C 107 32.34 -10.64 -10.88
N ARG C 108 31.39 -11.51 -10.52
CA ARG C 108 31.27 -12.85 -11.10
C ARG C 108 29.96 -13.03 -11.87
N LEU C 109 30.05 -13.48 -13.12
CA LEU C 109 28.85 -13.68 -13.92
C LEU C 109 28.81 -15.06 -14.58
N ASN C 110 27.72 -15.80 -14.36
CA ASN C 110 27.57 -17.10 -14.99
C ASN C 110 26.32 -17.16 -15.85
N LEU C 111 26.51 -17.32 -17.15
CA LEU C 111 25.41 -17.42 -18.08
C LEU C 111 25.50 -18.67 -18.93
N SER C 112 26.43 -19.57 -18.62
CA SER C 112 26.58 -20.77 -19.46
C SER C 112 25.25 -21.48 -19.60
N GLY C 113 25.01 -21.99 -20.80
CA GLY C 113 23.78 -22.70 -21.05
C GLY C 113 22.61 -21.77 -21.24
N CYS C 114 22.84 -20.48 -21.10
CA CYS C 114 21.75 -19.55 -21.29
C CYS C 114 21.52 -19.30 -22.76
N SER C 115 20.35 -18.81 -23.09
CA SER C 115 20.05 -18.58 -24.49
C SER C 115 18.83 -17.65 -24.59
N GLY C 116 18.54 -17.22 -25.81
CA GLY C 116 17.39 -16.37 -26.02
C GLY C 116 17.69 -14.89 -26.04
N PHE C 117 18.95 -14.51 -26.28
CA PHE C 117 19.30 -13.09 -26.34
C PHE C 117 20.30 -12.77 -27.42
N SER C 118 20.31 -11.51 -27.84
CA SER C 118 21.20 -11.06 -28.89
C SER C 118 22.62 -10.67 -28.58
N GLU C 119 23.35 -10.62 -29.68
CA GLU C 119 24.73 -10.20 -29.76
C GLU C 119 24.75 -8.77 -29.26
N PHE C 120 23.65 -8.06 -29.45
CA PHE C 120 23.58 -6.68 -29.01
C PHE C 120 23.36 -6.59 -27.50
N ALA C 121 22.39 -7.36 -27.01
CA ALA C 121 22.10 -7.37 -25.58
C ALA C 121 23.39 -7.79 -24.89
N LEU C 122 24.02 -8.83 -25.44
CA LEU C 122 25.28 -9.32 -24.87
C LEU C 122 26.26 -8.17 -24.76
N GLN C 123 26.37 -7.38 -25.83
CA GLN C 123 27.28 -6.25 -25.83
C GLN C 123 26.87 -5.23 -24.77
N THR C 124 25.61 -4.83 -24.76
CA THR C 124 25.25 -3.84 -23.77
C THR C 124 25.51 -4.34 -22.35
N LEU C 125 25.49 -5.65 -22.14
CA LEU C 125 25.73 -6.14 -20.79
C LEU C 125 27.18 -6.21 -20.38
N LEU C 126 28.00 -6.75 -21.27
CA LEU C 126 29.40 -6.86 -20.94
C LEU C 126 30.01 -5.46 -20.88
N SER C 127 29.56 -4.58 -21.78
CA SER C 127 30.06 -3.20 -21.84
C SER C 127 29.85 -2.44 -20.54
N SER C 128 28.79 -2.77 -19.81
CA SER C 128 28.47 -2.10 -18.57
C SER C 128 29.21 -2.66 -17.36
N CYS C 129 29.67 -3.91 -17.45
CA CYS C 129 30.37 -4.55 -16.35
C CYS C 129 31.88 -4.43 -16.53
N SER C 130 32.34 -3.21 -16.35
CA SER C 130 33.73 -2.86 -16.50
C SER C 130 34.67 -3.22 -15.33
N ARG C 131 34.15 -3.86 -14.30
CA ARG C 131 35.04 -4.28 -13.22
C ARG C 131 34.87 -5.78 -13.02
N LEU C 132 34.33 -6.42 -14.05
CA LEU C 132 34.08 -7.87 -14.04
C LEU C 132 35.37 -8.67 -13.89
N ASP C 133 35.39 -9.59 -12.93
CA ASP C 133 36.57 -10.41 -12.69
C ASP C 133 36.53 -11.76 -13.38
N GLU C 134 35.45 -12.49 -13.19
CA GLU C 134 35.29 -13.78 -13.84
C GLU C 134 33.94 -14.00 -14.50
N LEU C 135 34.02 -14.45 -15.74
CA LEU C 135 32.88 -14.67 -16.58
C LEU C 135 32.84 -16.09 -17.11
N ASN C 136 31.68 -16.73 -17.00
CA ASN C 136 31.52 -18.06 -17.56
C ASN C 136 30.44 -17.90 -18.59
N LEU C 137 30.85 -17.74 -19.84
CA LEU C 137 29.90 -17.57 -20.94
C LEU C 137 30.06 -18.75 -21.91
N SER C 138 30.01 -19.96 -21.36
CA SER C 138 30.15 -21.18 -22.13
C SER C 138 28.84 -21.84 -22.55
N TRP C 139 28.92 -22.48 -23.70
CA TRP C 139 27.81 -23.20 -24.28
C TRP C 139 26.49 -22.48 -24.43
N CYS C 140 26.50 -21.25 -24.90
CA CYS C 140 25.25 -20.54 -25.12
C CYS C 140 24.93 -20.96 -26.55
N PHE C 141 24.37 -22.16 -26.66
CA PHE C 141 24.09 -22.81 -27.94
C PHE C 141 23.43 -21.89 -28.93
N ASP C 142 22.58 -21.04 -28.38
CA ASP C 142 21.80 -20.10 -29.13
C ASP C 142 22.62 -19.18 -30.00
N PHE C 143 23.92 -19.10 -29.79
CA PHE C 143 24.58 -18.12 -30.61
C PHE C 143 25.69 -18.32 -31.61
N THR C 144 25.73 -17.34 -32.48
CA THR C 144 26.65 -17.28 -33.61
C THR C 144 27.92 -16.47 -33.43
N GLU C 145 28.64 -16.30 -34.55
CA GLU C 145 29.87 -15.56 -34.53
C GLU C 145 29.65 -14.15 -34.03
N LYS C 146 28.51 -13.57 -34.39
CA LYS C 146 28.21 -12.22 -33.96
C LYS C 146 28.42 -12.12 -32.45
N HIS C 147 27.82 -13.05 -31.70
CA HIS C 147 27.98 -13.07 -30.25
C HIS C 147 29.43 -13.29 -29.83
N VAL C 148 29.99 -14.41 -30.26
CA VAL C 148 31.36 -14.75 -29.90
C VAL C 148 32.27 -13.55 -30.09
N GLN C 149 32.15 -12.91 -31.25
CA GLN C 149 32.97 -11.75 -31.53
C GLN C 149 32.67 -10.68 -30.50
N VAL C 150 31.38 -10.42 -30.24
CA VAL C 150 31.04 -9.43 -29.22
C VAL C 150 31.71 -9.78 -27.89
N ALA C 151 31.67 -11.06 -27.54
CA ALA C 151 32.26 -11.51 -26.29
C ALA C 151 33.70 -11.00 -26.17
N VAL C 152 34.58 -11.47 -27.06
CA VAL C 152 35.99 -11.08 -27.02
C VAL C 152 36.21 -9.59 -27.25
N ALA C 153 35.23 -8.93 -27.83
CA ALA C 153 35.37 -7.50 -28.06
C ALA C 153 34.99 -6.63 -26.85
N HIS C 154 34.12 -7.11 -25.97
CA HIS C 154 33.70 -6.28 -24.85
C HIS C 154 33.84 -6.79 -23.41
N VAL C 155 34.56 -7.89 -23.18
CA VAL C 155 34.75 -8.32 -21.79
C VAL C 155 35.77 -7.34 -21.22
N SER C 156 35.53 -6.83 -20.01
CA SER C 156 36.49 -5.87 -19.47
C SER C 156 37.88 -6.43 -19.22
N GLU C 157 38.84 -5.52 -19.29
CA GLU C 157 40.25 -5.82 -19.10
C GLU C 157 40.45 -6.44 -17.74
N THR C 158 39.61 -6.03 -16.80
CA THR C 158 39.63 -6.50 -15.43
C THR C 158 39.55 -8.02 -15.28
N ILE C 159 39.14 -8.67 -16.37
CA ILE C 159 39.00 -10.11 -16.41
C ILE C 159 40.26 -10.93 -16.13
N THR C 160 40.11 -11.91 -15.22
CA THR C 160 41.19 -12.82 -14.87
C THR C 160 40.82 -14.27 -15.19
N GLN C 161 39.55 -14.64 -15.04
CA GLN C 161 39.08 -16.00 -15.33
C GLN C 161 37.98 -15.94 -16.37
N LEU C 162 38.14 -16.64 -17.48
CA LEU C 162 37.13 -16.62 -18.53
C LEU C 162 36.88 -18.02 -19.05
N ASN C 163 35.63 -18.31 -19.36
CA ASN C 163 35.29 -19.62 -19.88
C ASN C 163 34.39 -19.53 -21.12
N LEU C 164 35.01 -19.67 -22.29
CA LEU C 164 34.26 -19.61 -23.54
C LEU C 164 34.25 -20.93 -24.27
N SER C 165 33.86 -22.00 -23.58
CA SER C 165 33.82 -23.29 -24.24
C SER C 165 32.48 -23.63 -24.91
N GLY C 166 32.54 -24.51 -25.91
CA GLY C 166 31.34 -24.97 -26.60
C GLY C 166 31.01 -24.38 -27.95
N TYR C 167 31.86 -23.50 -28.46
CA TYR C 167 31.58 -22.89 -29.74
C TYR C 167 32.44 -23.57 -30.80
N ARG C 168 31.99 -24.74 -31.25
CA ARG C 168 32.77 -25.46 -32.22
C ARG C 168 33.15 -24.69 -33.44
N LYS C 169 32.16 -24.24 -34.20
CA LYS C 169 32.47 -23.54 -35.42
C LYS C 169 32.38 -22.02 -35.40
N ASN C 170 32.01 -21.41 -34.30
CA ASN C 170 31.87 -19.94 -34.27
C ASN C 170 33.01 -19.17 -33.63
N LEU C 171 34.01 -19.89 -33.14
CA LEU C 171 35.14 -19.22 -32.52
C LEU C 171 36.41 -19.54 -33.27
N GLN C 172 37.16 -18.52 -33.67
CA GLN C 172 38.40 -18.73 -34.42
C GLN C 172 39.61 -18.03 -33.87
N LYS C 173 40.76 -18.43 -34.42
CA LYS C 173 42.04 -17.90 -34.01
C LYS C 173 41.93 -16.41 -33.78
N SER C 174 41.43 -15.70 -34.79
CA SER C 174 41.29 -14.25 -34.73
C SER C 174 40.60 -13.79 -33.46
N ASP C 175 39.58 -14.55 -33.06
CA ASP C 175 38.82 -14.22 -31.86
C ASP C 175 39.69 -14.39 -30.62
N LEU C 176 40.55 -15.39 -30.64
CA LEU C 176 41.45 -15.61 -29.51
C LEU C 176 42.44 -14.46 -29.51
N SER C 177 42.84 -14.06 -30.72
CA SER C 177 43.77 -12.97 -30.92
C SER C 177 43.21 -11.73 -30.26
N THR C 178 42.00 -11.36 -30.65
CA THR C 178 41.33 -10.18 -30.10
C THR C 178 41.30 -10.28 -28.59
N LEU C 179 40.73 -11.37 -28.10
CA LEU C 179 40.62 -11.61 -26.69
C LEU C 179 41.94 -11.31 -25.99
N VAL C 180 43.01 -11.87 -26.55
CA VAL C 180 44.36 -11.73 -26.02
C VAL C 180 44.89 -10.31 -26.03
N ARG C 181 44.62 -9.58 -27.10
CA ARG C 181 45.06 -8.19 -27.17
C ARG C 181 44.46 -7.38 -26.04
N ARG C 182 43.17 -7.56 -25.83
CA ARG C 182 42.42 -6.82 -24.82
C ARG C 182 42.47 -7.26 -23.37
N CYS C 183 42.69 -8.55 -23.11
CA CYS C 183 42.66 -9.02 -21.71
C CYS C 183 43.95 -9.64 -21.17
N PRO C 184 44.92 -8.76 -20.89
CA PRO C 184 46.23 -9.11 -20.36
C PRO C 184 46.29 -9.77 -19.01
N ASN C 185 45.23 -9.61 -18.22
CA ASN C 185 45.25 -10.17 -16.87
C ASN C 185 44.68 -11.57 -16.64
N LEU C 186 44.23 -12.20 -17.73
CA LEU C 186 43.68 -13.54 -17.66
C LEU C 186 44.59 -14.50 -16.89
N VAL C 187 43.99 -15.30 -16.02
CA VAL C 187 44.70 -16.30 -15.22
C VAL C 187 44.17 -17.71 -15.56
N HIS C 188 42.85 -17.82 -15.69
CA HIS C 188 42.17 -19.08 -16.08
C HIS C 188 41.52 -18.84 -17.44
N LEU C 189 41.86 -19.64 -18.42
CA LEU C 189 41.22 -19.49 -19.72
C LEU C 189 40.76 -20.83 -20.24
N ASP C 190 39.45 -21.01 -20.38
CA ASP C 190 38.95 -22.27 -20.89
C ASP C 190 38.36 -22.07 -22.28
N LEU C 191 38.89 -22.80 -23.25
CA LEU C 191 38.39 -22.74 -24.61
C LEU C 191 38.15 -24.16 -25.11
N SER C 192 37.67 -24.99 -24.20
CA SER C 192 37.37 -26.36 -24.56
C SER C 192 36.35 -26.42 -25.70
N ASP C 193 36.49 -27.45 -26.53
CA ASP C 193 35.58 -27.64 -27.65
C ASP C 193 35.63 -26.54 -28.69
N SER C 194 36.74 -25.82 -28.74
CA SER C 194 36.95 -24.78 -29.75
C SER C 194 37.66 -25.54 -30.86
N VAL C 195 36.87 -26.25 -31.66
CA VAL C 195 37.37 -27.10 -32.74
C VAL C 195 37.98 -26.36 -33.91
N MET C 196 37.89 -25.05 -33.92
CA MET C 196 38.50 -24.28 -35.01
C MET C 196 39.93 -23.93 -34.62
N LEU C 197 40.27 -24.18 -33.35
CA LEU C 197 41.59 -23.88 -32.86
C LEU C 197 42.59 -25.00 -33.17
N LYS C 198 43.71 -24.62 -33.80
CA LYS C 198 44.79 -25.55 -34.16
C LYS C 198 46.07 -25.01 -33.50
N ASN C 199 47.20 -25.70 -33.66
CA ASN C 199 48.42 -25.23 -32.97
C ASN C 199 48.96 -23.89 -33.43
N ASP C 200 48.48 -23.41 -34.57
CA ASP C 200 48.94 -22.11 -35.05
C ASP C 200 48.54 -20.99 -34.09
N CYS C 201 47.48 -21.21 -33.32
CA CYS C 201 47.02 -20.19 -32.37
C CYS C 201 47.83 -20.18 -31.07
N PHE C 202 48.57 -21.25 -30.83
CA PHE C 202 49.35 -21.35 -29.63
C PHE C 202 50.17 -20.10 -29.29
N GLN C 203 50.72 -19.45 -30.31
CA GLN C 203 51.51 -18.23 -30.11
C GLN C 203 50.75 -17.17 -29.33
N GLU C 204 49.46 -17.07 -29.60
CA GLU C 204 48.66 -16.08 -28.92
C GLU C 204 48.71 -16.19 -27.40
N PHE C 205 48.74 -17.40 -26.85
CA PHE C 205 48.76 -17.58 -25.39
C PHE C 205 50.02 -17.05 -24.72
N PHE C 206 51.08 -16.87 -25.51
CA PHE C 206 52.33 -16.38 -24.96
C PHE C 206 52.29 -14.88 -24.61
N GLN C 207 51.18 -14.24 -24.91
CA GLN C 207 51.07 -12.83 -24.59
C GLN C 207 50.27 -12.63 -23.32
N LEU C 208 49.86 -13.73 -22.71
CA LEU C 208 49.11 -13.65 -21.46
C LEU C 208 50.13 -14.02 -20.40
N ASN C 209 50.81 -13.00 -19.91
CA ASN C 209 51.88 -13.20 -18.93
C ASN C 209 51.45 -13.63 -17.55
N TYR C 210 50.17 -13.96 -17.35
CA TYR C 210 49.76 -14.39 -16.03
C TYR C 210 48.89 -15.65 -16.08
N LEU C 211 48.66 -16.12 -17.30
CA LEU C 211 47.87 -17.31 -17.58
C LEU C 211 48.47 -18.59 -16.98
N GLN C 212 47.85 -19.15 -15.95
CA GLN C 212 48.37 -20.38 -15.36
C GLN C 212 47.44 -21.59 -15.45
N HIS C 213 46.23 -21.38 -15.95
CA HIS C 213 45.29 -22.46 -16.13
C HIS C 213 44.64 -22.30 -17.48
N LEU C 214 45.08 -23.13 -18.41
CA LEU C 214 44.55 -23.11 -19.76
C LEU C 214 43.88 -24.45 -19.94
N SER C 215 42.83 -24.47 -20.75
CA SER C 215 42.11 -25.71 -21.00
C SER C 215 41.70 -25.74 -22.46
N LEU C 216 42.08 -26.81 -23.15
CA LEU C 216 41.78 -26.98 -24.58
C LEU C 216 41.19 -28.33 -24.90
N SER C 217 40.47 -28.92 -23.97
CA SER C 217 39.88 -30.23 -24.19
C SER C 217 38.98 -30.35 -25.42
N ARG C 218 39.13 -31.46 -26.14
CA ARG C 218 38.31 -31.75 -27.32
C ARG C 218 38.44 -30.82 -28.53
N CYS C 219 39.56 -30.11 -28.60
CA CYS C 219 39.80 -29.26 -29.77
C CYS C 219 40.43 -30.25 -30.76
N TYR C 220 39.57 -31.15 -31.24
CA TYR C 220 39.91 -32.24 -32.13
C TYR C 220 40.94 -32.06 -33.27
N ASP C 221 41.17 -30.85 -33.76
CA ASP C 221 42.16 -30.71 -34.82
C ASP C 221 43.54 -30.37 -34.34
N ILE C 222 43.74 -30.27 -33.02
CA ILE C 222 45.07 -29.97 -32.50
C ILE C 222 45.87 -31.26 -32.61
N ILE C 223 46.98 -31.23 -33.37
CA ILE C 223 47.79 -32.43 -33.48
C ILE C 223 48.41 -32.62 -32.10
N PRO C 224 48.00 -33.67 -31.38
CA PRO C 224 48.52 -33.93 -30.03
C PRO C 224 49.97 -33.54 -29.83
N GLU C 225 50.85 -34.14 -30.61
CA GLU C 225 52.27 -33.84 -30.46
C GLU C 225 52.63 -32.36 -30.34
N THR C 226 51.92 -31.47 -31.01
CA THR C 226 52.26 -30.06 -30.96
C THR C 226 52.04 -29.42 -29.59
N LEU C 227 51.33 -30.09 -28.71
CA LEU C 227 51.05 -29.53 -27.40
C LEU C 227 52.30 -29.14 -26.63
N LEU C 228 53.35 -29.93 -26.75
CA LEU C 228 54.61 -29.66 -26.06
C LEU C 228 54.87 -28.15 -26.03
N GLU C 229 54.64 -27.53 -27.17
CA GLU C 229 54.85 -26.11 -27.35
C GLU C 229 54.21 -25.26 -26.26
N LEU C 230 53.14 -25.75 -25.65
CA LEU C 230 52.46 -24.97 -24.61
C LEU C 230 53.14 -24.98 -23.24
N GLY C 231 54.04 -25.93 -23.00
CA GLY C 231 54.72 -25.97 -21.72
C GLY C 231 55.69 -24.83 -21.69
N GLU C 232 55.75 -24.13 -22.81
CA GLU C 232 56.64 -23.01 -23.00
C GLU C 232 56.01 -21.72 -22.49
N ILE C 233 54.83 -21.83 -21.88
CA ILE C 233 54.15 -20.67 -21.32
C ILE C 233 54.75 -20.61 -19.92
N PRO C 234 55.61 -19.60 -19.69
CA PRO C 234 56.33 -19.32 -18.45
C PRO C 234 55.54 -19.49 -17.15
N THR C 235 54.30 -19.02 -17.13
CA THR C 235 53.48 -19.14 -15.93
C THR C 235 52.47 -20.29 -15.93
N LEU C 236 52.35 -21.00 -17.04
CA LEU C 236 51.38 -22.09 -17.10
C LEU C 236 51.63 -23.09 -15.97
N LYS C 237 50.56 -23.49 -15.28
CA LYS C 237 50.65 -24.44 -14.18
C LYS C 237 49.83 -25.70 -14.42
N THR C 238 48.67 -25.56 -15.06
CA THR C 238 47.80 -26.72 -15.34
C THR C 238 47.31 -26.68 -16.77
N LEU C 239 47.14 -27.85 -17.37
CA LEU C 239 46.67 -27.94 -18.75
C LEU C 239 45.63 -29.02 -18.97
N GLN C 240 44.37 -28.63 -19.11
CA GLN C 240 43.31 -29.61 -19.36
C GLN C 240 43.28 -29.80 -20.87
N VAL C 241 43.55 -31.03 -21.30
CA VAL C 241 43.54 -31.31 -22.71
C VAL C 241 42.98 -32.73 -22.98
N PHE C 242 41.77 -32.95 -22.46
CA PHE C 242 41.01 -34.21 -22.55
C PHE C 242 40.48 -34.64 -23.90
N GLY C 243 40.50 -35.95 -24.10
CA GLY C 243 39.96 -36.55 -25.32
C GLY C 243 40.67 -36.30 -26.63
N ILE C 244 41.86 -35.74 -26.62
CA ILE C 244 42.52 -35.52 -27.87
C ILE C 244 43.93 -36.03 -27.81
N VAL C 245 44.32 -36.51 -26.64
CA VAL C 245 45.66 -37.02 -26.48
C VAL C 245 45.64 -38.49 -26.13
N PRO C 246 46.24 -39.34 -27.00
CA PRO C 246 46.31 -40.79 -26.79
C PRO C 246 47.31 -41.05 -25.66
N ASP C 247 46.96 -41.96 -24.76
CA ASP C 247 47.83 -42.29 -23.63
C ASP C 247 49.32 -42.29 -23.96
N GLY C 248 49.67 -42.98 -25.05
CA GLY C 248 51.05 -43.06 -25.45
C GLY C 248 51.76 -41.71 -25.40
N THR C 249 51.26 -40.77 -26.19
CA THR C 249 51.83 -39.43 -26.24
C THR C 249 51.54 -38.64 -24.95
N LEU C 250 50.38 -38.88 -24.33
CA LEU C 250 50.04 -38.19 -23.10
C LEU C 250 51.10 -38.41 -22.02
N GLN C 251 51.60 -39.64 -21.91
CA GLN C 251 52.63 -39.95 -20.92
C GLN C 251 53.94 -39.29 -21.29
N LEU C 252 54.19 -39.12 -22.58
CA LEU C 252 55.41 -38.45 -23.05
C LEU C 252 55.33 -36.97 -22.68
N LEU C 253 54.22 -36.35 -23.09
CA LEU C 253 53.97 -34.95 -22.84
C LEU C 253 54.20 -34.65 -21.35
N LYS C 254 53.62 -35.47 -20.49
CA LYS C 254 53.79 -35.32 -19.05
C LYS C 254 55.26 -35.32 -18.63
N GLU C 255 56.03 -36.24 -19.20
CA GLU C 255 57.44 -36.37 -18.89
C GLU C 255 58.29 -35.22 -19.42
N ALA C 256 57.77 -34.53 -20.43
CA ALA C 256 58.49 -33.42 -21.00
C ALA C 256 58.28 -32.15 -20.18
N LEU C 257 57.11 -32.04 -19.56
CA LEU C 257 56.79 -30.86 -18.75
C LEU C 257 56.36 -31.33 -17.35
N PRO C 258 57.28 -31.97 -16.61
CA PRO C 258 57.00 -32.48 -15.27
C PRO C 258 56.48 -31.45 -14.26
N HIS C 259 56.64 -30.18 -14.56
CA HIS C 259 56.16 -29.15 -13.66
C HIS C 259 54.68 -28.88 -13.91
N LEU C 260 54.18 -29.34 -15.05
CA LEU C 260 52.78 -29.17 -15.39
C LEU C 260 51.87 -30.20 -14.78
N GLN C 261 50.63 -29.77 -14.58
CA GLN C 261 49.58 -30.60 -14.03
C GLN C 261 48.66 -30.84 -15.24
N ILE C 262 48.76 -32.02 -15.84
CA ILE C 262 47.93 -32.32 -16.98
C ILE C 262 46.97 -33.46 -16.68
N ASN C 263 45.75 -33.30 -17.14
CA ASN C 263 44.77 -34.34 -16.93
C ASN C 263 44.29 -34.68 -18.34
N PRO D 2 -2.99 3.84 36.60
CA PRO D 2 -2.31 2.69 35.96
C PRO D 2 -3.33 1.89 35.17
N SER D 3 -4.58 2.36 35.18
CA SER D 3 -5.64 1.65 34.49
C SER D 3 -6.37 2.53 33.48
N ILE D 4 -6.39 2.10 32.22
CA ILE D 4 -7.04 2.83 31.14
C ILE D 4 -8.27 2.04 30.68
N LYS D 5 -9.22 2.69 30.01
CA LYS D 5 -10.40 1.96 29.54
C LYS D 5 -10.51 1.83 28.00
N LEU D 6 -10.49 0.59 27.53
CA LEU D 6 -10.59 0.30 26.10
C LEU D 6 -12.01 -0.11 25.70
N GLN D 7 -12.45 0.33 24.52
CA GLN D 7 -13.77 -0.02 24.04
C GLN D 7 -13.78 -0.62 22.63
N SER D 8 -14.37 -1.80 22.51
CA SER D 8 -14.48 -2.52 21.24
C SER D 8 -15.55 -1.94 20.33
N SER D 9 -15.45 -2.29 19.06
CA SER D 9 -16.40 -1.83 18.06
C SER D 9 -17.85 -2.18 18.43
N ASP D 10 -18.02 -3.34 19.09
CA ASP D 10 -19.33 -3.83 19.53
C ASP D 10 -19.80 -3.27 20.88
N GLY D 11 -19.09 -2.28 21.40
CA GLY D 11 -19.52 -1.64 22.63
C GLY D 11 -18.91 -2.02 23.95
N GLU D 12 -18.42 -3.25 24.09
CA GLU D 12 -17.86 -3.67 25.36
C GLU D 12 -16.65 -2.86 25.82
N ILE D 13 -16.55 -2.68 27.12
CA ILE D 13 -15.42 -1.94 27.67
C ILE D 13 -14.55 -2.83 28.51
N PHE D 14 -13.25 -2.65 28.40
CA PHE D 14 -12.31 -3.43 29.18
C PHE D 14 -11.35 -2.47 29.87
N GLU D 15 -10.92 -2.83 31.07
CA GLU D 15 -9.97 -2.01 31.77
C GLU D 15 -8.68 -2.76 31.78
N VAL D 16 -7.68 -2.19 31.13
CA VAL D 16 -6.38 -2.82 31.07
C VAL D 16 -5.38 -1.85 31.67
N ASP D 17 -4.24 -2.37 32.13
CA ASP D 17 -3.21 -1.52 32.71
C ASP D 17 -2.67 -0.60 31.61
N VAL D 18 -2.33 0.63 31.95
CA VAL D 18 -1.84 1.56 30.94
C VAL D 18 -0.60 1.06 30.21
N GLU D 19 0.23 0.29 30.88
CA GLU D 19 1.42 -0.20 30.22
C GLU D 19 1.13 -1.30 29.25
N ILE D 20 0.22 -2.19 29.61
CA ILE D 20 -0.13 -3.27 28.72
C ILE D 20 -0.79 -2.64 27.51
N ALA D 21 -1.75 -1.78 27.78
CA ALA D 21 -2.49 -1.10 26.72
C ALA D 21 -1.57 -0.38 25.76
N LYS D 22 -0.48 0.18 26.27
CA LYS D 22 0.42 0.92 25.40
C LYS D 22 1.35 0.12 24.47
N GLN D 23 1.21 -1.19 24.43
CA GLN D 23 2.00 -1.98 23.50
C GLN D 23 1.43 -1.77 22.12
N SER D 24 0.27 -1.10 22.08
CA SER D 24 -0.40 -0.77 20.83
C SER D 24 -0.05 0.68 20.56
N VAL D 25 0.90 0.89 19.66
CA VAL D 25 1.32 2.24 19.35
C VAL D 25 0.07 3.09 19.23
N THR D 26 -0.83 2.64 18.35
CA THR D 26 -2.10 3.34 18.11
C THR D 26 -2.75 3.76 19.43
N ILE D 27 -3.10 2.78 20.26
CA ILE D 27 -3.71 3.05 21.55
C ILE D 27 -2.89 4.05 22.35
N LYS D 28 -1.58 3.82 22.38
CA LYS D 28 -0.63 4.67 23.08
C LYS D 28 -0.79 6.11 22.64
N THR D 29 -0.71 6.33 21.33
CA THR D 29 -0.84 7.67 20.80
C THR D 29 -2.23 8.26 21.00
N MET D 30 -3.27 7.45 21.10
CA MET D 30 -4.55 8.09 21.38
C MET D 30 -4.51 8.57 22.83
N LEU D 31 -3.92 7.78 23.72
CA LEU D 31 -3.86 8.13 25.14
C LEU D 31 -3.05 9.40 25.37
N GLU D 32 -1.82 9.40 24.87
CA GLU D 32 -0.91 10.52 25.04
C GLU D 32 -1.11 11.86 24.34
N ASP D 33 -1.46 11.90 23.06
CA ASP D 33 -1.68 13.20 22.46
C ASP D 33 -3.14 13.65 22.34
N LEU D 34 -4.03 12.86 22.91
CA LEU D 34 -5.45 13.18 22.93
C LEU D 34 -5.89 12.49 24.21
N GLY D 35 -6.05 13.22 25.31
CA GLY D 35 -6.43 12.57 26.55
C GLY D 35 -7.72 11.76 26.56
N MET D 36 -7.79 10.75 25.72
CA MET D 36 -8.99 9.92 25.62
C MET D 36 -9.01 8.87 26.69
N ASP D 37 -10.04 8.81 27.51
CA ASP D 37 -10.05 7.75 28.50
C ASP D 37 -10.77 6.58 27.87
N PRO D 38 -12.04 6.75 27.50
CA PRO D 38 -12.57 5.52 26.88
C PRO D 38 -11.81 5.53 25.55
N VAL D 39 -11.15 4.45 25.16
CA VAL D 39 -10.43 4.48 23.89
C VAL D 39 -11.13 3.48 22.97
N PRO D 40 -12.01 3.97 22.08
CA PRO D 40 -12.77 3.13 21.14
C PRO D 40 -11.88 2.64 20.03
N LEU D 41 -12.01 1.35 19.71
CA LEU D 41 -11.21 0.73 18.65
C LEU D 41 -12.23 0.34 17.61
N PRO D 42 -12.48 1.24 16.65
CA PRO D 42 -13.45 1.07 15.57
C PRO D 42 -13.37 -0.19 14.75
N ASN D 43 -12.26 -0.88 14.83
CA ASN D 43 -12.14 -2.05 14.00
C ASN D 43 -12.14 -3.37 14.72
N VAL D 44 -11.55 -3.37 15.91
CA VAL D 44 -11.42 -4.55 16.73
C VAL D 44 -12.72 -4.81 17.45
N ASN D 45 -13.26 -6.03 17.36
CA ASN D 45 -14.49 -6.30 18.09
C ASN D 45 -14.10 -6.88 19.46
N ALA D 46 -15.10 -7.14 20.32
CA ALA D 46 -14.85 -7.65 21.67
C ALA D 46 -14.19 -9.02 21.76
N ALA D 47 -14.52 -9.93 20.84
CA ALA D 47 -13.92 -11.25 20.88
C ALA D 47 -12.43 -11.12 20.58
N ILE D 48 -12.10 -10.32 19.58
CA ILE D 48 -10.70 -10.11 19.23
C ILE D 48 -9.91 -9.28 20.28
N LEU D 49 -10.55 -8.28 20.90
CA LEU D 49 -9.85 -7.47 21.90
C LEU D 49 -9.35 -8.34 23.06
N LYS D 50 -10.18 -9.30 23.45
CA LYS D 50 -9.81 -10.21 24.52
C LYS D 50 -8.48 -10.92 24.19
N LYS D 51 -8.38 -11.46 22.98
CA LYS D 51 -7.16 -12.15 22.58
C LYS D 51 -6.05 -11.13 22.61
N VAL D 52 -6.23 -10.01 21.91
CA VAL D 52 -5.22 -8.97 21.89
C VAL D 52 -4.77 -8.64 23.30
N ILE D 53 -5.70 -8.40 24.21
CA ILE D 53 -5.31 -8.07 25.58
C ILE D 53 -4.48 -9.17 26.26
N GLN D 54 -4.88 -10.44 26.13
CA GLN D 54 -4.08 -11.46 26.77
C GLN D 54 -2.72 -11.55 26.14
N TRP D 55 -2.64 -11.38 24.83
CA TRP D 55 -1.36 -11.45 24.17
C TRP D 55 -0.44 -10.35 24.72
N CYS D 56 -0.95 -9.13 24.79
CA CYS D 56 -0.14 -8.03 25.30
C CYS D 56 0.23 -8.26 26.75
N THR D 57 -0.71 -8.79 27.53
CA THR D 57 -0.50 -9.08 28.94
C THR D 57 0.65 -10.05 29.12
N HIS D 58 0.61 -11.13 28.36
CA HIS D 58 1.66 -12.15 28.39
C HIS D 58 3.03 -11.61 27.99
N HIS D 59 3.07 -10.47 27.31
CA HIS D 59 4.33 -9.89 26.85
C HIS D 59 4.56 -8.51 27.47
N LYS D 60 3.96 -8.23 28.62
CA LYS D 60 4.18 -6.91 29.19
C LYS D 60 5.64 -6.77 29.55
N ASP D 61 6.26 -7.90 29.87
CA ASP D 61 7.64 -7.87 30.29
C ASP D 61 8.82 -8.17 29.36
N ASP D 62 8.62 -8.10 28.05
CA ASP D 62 9.76 -8.27 27.16
C ASP D 62 9.92 -6.91 26.47
N LYS D 74 13.59 -13.92 9.44
CA LYS D 74 13.00 -14.74 10.57
C LYS D 74 12.79 -16.17 10.12
N ARG D 75 11.67 -16.81 10.51
CA ARG D 75 11.43 -18.17 10.06
C ARG D 75 10.08 -18.79 10.35
N THR D 76 9.70 -18.78 11.62
CA THR D 76 8.48 -19.42 12.09
C THR D 76 9.25 -20.39 12.96
N ASP D 77 10.53 -20.29 12.68
CA ASP D 77 11.61 -21.04 13.26
C ASP D 77 11.92 -20.47 14.63
N ASP D 78 11.35 -19.31 14.96
CA ASP D 78 11.62 -18.66 16.24
C ASP D 78 10.36 -18.18 16.94
N ILE D 79 9.26 -18.88 16.70
CA ILE D 79 8.02 -18.52 17.34
C ILE D 79 7.91 -19.18 18.72
N PRO D 80 7.96 -18.38 19.79
CA PRO D 80 7.87 -18.87 21.16
C PRO D 80 6.69 -19.84 21.32
N VAL D 81 6.95 -20.98 21.95
CA VAL D 81 5.93 -22.01 22.14
C VAL D 81 4.60 -21.47 22.58
N TRP D 82 4.63 -20.45 23.46
CA TRP D 82 3.41 -19.84 23.97
C TRP D 82 2.67 -19.19 22.82
N ASP D 83 3.38 -18.29 22.13
CA ASP D 83 2.83 -17.60 20.98
C ASP D 83 2.28 -18.60 19.96
N GLN D 84 2.93 -19.75 19.84
CA GLN D 84 2.45 -20.75 18.93
C GLN D 84 1.08 -21.28 19.37
N GLU D 85 0.95 -21.64 20.64
CA GLU D 85 -0.32 -22.15 21.10
C GLU D 85 -1.39 -21.07 21.10
N PHE D 86 -0.96 -19.82 21.29
CA PHE D 86 -1.86 -18.69 21.30
C PHE D 86 -2.51 -18.56 19.93
N LEU D 87 -1.71 -18.78 18.89
CA LEU D 87 -2.19 -18.68 17.52
C LEU D 87 -2.87 -19.95 17.01
N LYS D 88 -2.99 -20.93 17.89
CA LYS D 88 -3.64 -22.19 17.56
C LYS D 88 -5.14 -21.89 17.52
N VAL D 89 -5.59 -21.25 16.44
CA VAL D 89 -7.00 -20.89 16.29
C VAL D 89 -7.40 -21.10 14.84
N ASP D 90 -8.67 -20.92 14.50
CA ASP D 90 -9.07 -21.13 13.11
C ASP D 90 -8.75 -19.92 12.23
N GLN D 91 -8.64 -20.17 10.92
CA GLN D 91 -8.30 -19.12 9.97
C GLN D 91 -9.02 -17.84 10.25
N GLY D 92 -10.34 -17.94 10.35
CA GLY D 92 -11.14 -16.77 10.65
C GLY D 92 -10.49 -15.95 11.75
N THR D 93 -10.32 -16.55 12.92
CA THR D 93 -9.70 -15.83 14.02
C THR D 93 -8.29 -15.36 13.64
N LEU D 94 -7.52 -16.20 12.97
CA LEU D 94 -6.16 -15.82 12.58
C LEU D 94 -6.21 -14.57 11.73
N PHE D 95 -7.08 -14.59 10.73
CA PHE D 95 -7.26 -13.48 9.84
C PHE D 95 -7.54 -12.22 10.65
N GLU D 96 -8.42 -12.32 11.63
CA GLU D 96 -8.79 -11.18 12.47
C GLU D 96 -7.66 -10.67 13.37
N LEU D 97 -6.77 -11.57 13.77
CA LEU D 97 -5.68 -11.14 14.60
C LEU D 97 -4.68 -10.34 13.78
N ILE D 98 -4.32 -10.83 12.59
CA ILE D 98 -3.39 -10.07 11.77
C ILE D 98 -3.92 -8.67 11.54
N LEU D 99 -5.20 -8.58 11.18
CA LEU D 99 -5.81 -7.29 10.96
C LEU D 99 -5.78 -6.44 12.22
N ALA D 100 -6.17 -7.03 13.33
CA ALA D 100 -6.20 -6.29 14.57
C ALA D 100 -4.82 -5.79 14.94
N ALA D 101 -3.81 -6.63 14.75
CA ALA D 101 -2.45 -6.25 15.08
C ALA D 101 -1.96 -5.09 14.23
N ASN D 102 -2.42 -5.06 12.99
CA ASN D 102 -2.03 -4.01 12.07
C ASN D 102 -2.69 -2.68 12.48
N TYR D 103 -4.00 -2.70 12.72
CA TYR D 103 -4.65 -1.46 13.11
C TYR D 103 -4.10 -0.91 14.42
N LEU D 104 -3.91 -1.80 15.41
CA LEU D 104 -3.42 -1.37 16.70
C LEU D 104 -1.94 -1.07 16.67
N ASP D 105 -1.26 -1.63 15.67
CA ASP D 105 0.20 -1.46 15.52
C ASP D 105 0.93 -2.07 16.72
N ILE D 106 0.71 -3.34 16.96
CA ILE D 106 1.36 -4.04 18.05
C ILE D 106 2.35 -4.94 17.33
N LYS D 107 3.50 -4.36 17.05
CA LYS D 107 4.55 -5.03 16.35
C LYS D 107 4.77 -6.51 16.64
N GLY D 108 5.09 -6.81 17.89
CA GLY D 108 5.36 -8.19 18.24
C GLY D 108 4.29 -9.15 17.78
N LEU D 109 3.04 -8.82 18.10
CA LEU D 109 1.93 -9.66 17.72
C LEU D 109 1.80 -9.78 16.20
N LEU D 110 2.00 -8.65 15.53
CA LEU D 110 1.93 -8.56 14.09
C LEU D 110 3.02 -9.43 13.54
N ASP D 111 4.13 -9.35 14.25
CA ASP D 111 5.32 -10.08 13.94
C ASP D 111 5.06 -11.58 13.93
N VAL D 112 4.61 -12.13 15.06
CA VAL D 112 4.34 -13.56 15.15
C VAL D 112 3.22 -14.07 14.26
N THR D 113 2.16 -13.29 14.07
CA THR D 113 1.06 -13.74 13.23
C THR D 113 1.47 -13.85 11.77
N CYS D 114 2.30 -12.91 11.33
CA CYS D 114 2.79 -12.94 9.94
C CYS D 114 3.64 -14.17 9.66
N LYS D 115 4.57 -14.49 10.56
CA LYS D 115 5.39 -15.67 10.37
C LYS D 115 4.51 -16.92 10.37
N THR D 116 3.41 -16.88 11.13
CA THR D 116 2.51 -18.01 11.20
C THR D 116 1.79 -18.22 9.88
N VAL D 117 1.49 -17.15 9.16
CA VAL D 117 0.85 -17.32 7.87
C VAL D 117 1.95 -17.79 6.94
N ALA D 118 3.12 -17.17 7.07
CA ALA D 118 4.25 -17.53 6.22
C ALA D 118 4.43 -19.05 6.21
N ASN D 119 4.49 -19.65 7.38
CA ASN D 119 4.68 -21.09 7.47
C ASN D 119 3.56 -21.89 6.79
N MET D 120 2.35 -21.37 6.77
CA MET D 120 1.26 -22.08 6.12
C MET D 120 1.45 -22.10 4.61
N ILE D 121 2.22 -21.14 4.12
CA ILE D 121 2.52 -21.00 2.70
C ILE D 121 3.69 -21.91 2.34
N LYS D 122 4.76 -21.85 3.15
CA LYS D 122 5.98 -22.64 2.93
C LYS D 122 5.63 -24.09 2.67
N GLY D 123 6.22 -24.67 1.64
CA GLY D 123 5.95 -26.05 1.33
C GLY D 123 4.80 -26.33 0.38
N LYS D 124 3.75 -25.52 0.42
CA LYS D 124 2.63 -25.76 -0.49
C LYS D 124 2.93 -25.26 -1.89
N THR D 125 2.05 -25.63 -2.82
CA THR D 125 2.14 -25.20 -4.20
C THR D 125 1.19 -24.02 -4.31
N PRO D 126 1.24 -23.30 -5.44
CA PRO D 126 0.31 -22.17 -5.53
C PRO D 126 -1.11 -22.63 -5.35
N GLU D 127 -1.41 -23.78 -5.96
CA GLU D 127 -2.73 -24.36 -5.91
C GLU D 127 -3.13 -24.68 -4.48
N GLU D 128 -2.25 -25.39 -3.76
CA GLU D 128 -2.51 -25.71 -2.37
C GLU D 128 -2.83 -24.43 -1.60
N ILE D 129 -2.00 -23.43 -1.87
CA ILE D 129 -2.13 -22.12 -1.28
C ILE D 129 -3.50 -21.58 -1.60
N ARG D 130 -3.85 -21.49 -2.88
CA ARG D 130 -5.16 -20.96 -3.22
C ARG D 130 -6.25 -21.67 -2.41
N LYS D 131 -6.11 -22.97 -2.24
CA LYS D 131 -7.11 -23.72 -1.51
C LYS D 131 -7.17 -23.43 -0.01
N THR D 132 -6.05 -23.51 0.69
CA THR D 132 -6.10 -23.24 2.13
C THR D 132 -6.49 -21.79 2.43
N PHE D 133 -6.12 -20.86 1.56
CA PHE D 133 -6.47 -19.47 1.80
C PHE D 133 -7.65 -18.91 0.99
N ASN D 134 -8.36 -19.78 0.28
CA ASN D 134 -9.51 -19.32 -0.48
C ASN D 134 -9.21 -18.08 -1.33
N ILE D 135 -8.10 -18.18 -2.06
CA ILE D 135 -7.65 -17.14 -2.96
C ILE D 135 -8.12 -17.50 -4.36
N LYS D 136 -8.71 -16.53 -5.04
CA LYS D 136 -9.19 -16.71 -6.40
C LYS D 136 -8.02 -16.71 -7.39
N ASN D 137 -8.08 -17.57 -8.40
CA ASN D 137 -7.01 -17.62 -9.37
C ASN D 137 -7.19 -16.52 -10.43
N ASP D 138 -6.61 -15.35 -10.14
CA ASP D 138 -6.60 -14.16 -10.99
C ASP D 138 -6.36 -14.48 -12.48
N PHE D 139 -5.51 -15.46 -12.74
CA PHE D 139 -5.17 -15.80 -14.11
C PHE D 139 -6.19 -16.74 -14.75
N THR D 140 -7.36 -16.83 -14.14
CA THR D 140 -8.47 -17.67 -14.65
C THR D 140 -9.82 -17.23 -13.98
#